data_3WOZ
#
_entry.id   3WOZ
#
_cell.length_a   50.896
_cell.length_b   122.317
_cell.length_c   86.514
_cell.angle_alpha   90.00
_cell.angle_beta   94.67
_cell.angle_gamma   90.00
#
_symmetry.space_group_name_H-M   'P 1 21 1'
#
loop_
_entity.id
_entity.type
_entity.pdbx_description
1 polymer 'CLIP-associating protein 2'
2 water water
#
_entity_poly.entity_id   1
_entity_poly.type   'polypeptide(L)'
_entity_poly.pdbx_seq_one_letter_code
;(MSE)RQTEDVAEVLNRCASSNWSERKEGLLGLQNLLKNQRTLSRIELKRLCEIFTR(MSE)FADPHGKVFS(MSE)FLE
TLVDFIQVHKDDLQDWLFVLLTQLLKK(MSE)GADLLGSVQAKVQKALDITRESFPNDLQFNIL(MSE)RFTVDQTQTPS
LKVKVAILKYIETLAKQ(MSE)DPRDFTNSSETRLAVSRVITWTTEPKSSDVRKAAQSVLISLFELNTPEFT(MSE)LLG
ALPKTFQDGATKLLHNHLRN
;
_entity_poly.pdbx_strand_id   A,B,C,D
#
# COMPACT_ATOMS: atom_id res chain seq x y z
N THR A 4 -17.96 16.63 11.52
CA THR A 4 -18.64 17.75 10.80
C THR A 4 -17.86 18.16 9.54
N GLU A 5 -16.53 18.12 9.61
CA GLU A 5 -15.66 18.55 8.50
C GLU A 5 -14.70 17.46 7.99
N ASP A 6 -14.78 16.27 8.57
CA ASP A 6 -13.96 15.14 8.13
C ASP A 6 -14.62 14.44 6.95
N VAL A 7 -13.89 14.31 5.84
CA VAL A 7 -14.42 13.72 4.60
C VAL A 7 -14.85 12.26 4.77
N ALA A 8 -13.94 11.43 5.29
CA ALA A 8 -14.22 10.01 5.51
C ALA A 8 -15.49 9.80 6.33
N GLU A 9 -15.66 10.61 7.36
CA GLU A 9 -16.83 10.54 8.24
C GLU A 9 -18.12 11.03 7.56
N VAL A 10 -18.02 12.12 6.80
CA VAL A 10 -19.16 12.63 6.04
C VAL A 10 -19.68 11.54 5.10
N LEU A 11 -18.75 10.90 4.38
CA LEU A 11 -19.10 9.82 3.45
C LEU A 11 -19.65 8.60 4.18
N ASN A 12 -19.12 8.34 5.38
CA ASN A 12 -19.65 7.28 6.25
C ASN A 12 -21.12 7.51 6.61
N ARG A 13 -21.45 8.76 6.95
CA ARG A 13 -22.82 9.12 7.31
C ARG A 13 -23.78 9.02 6.11
N CYS A 14 -23.28 9.36 4.92
CA CYS A 14 -24.04 9.21 3.68
C CYS A 14 -24.32 7.75 3.34
N ALA A 15 -23.39 6.86 3.72
CA ALA A 15 -23.50 5.43 3.44
C ALA A 15 -24.27 4.68 4.52
N SER A 16 -24.69 5.38 5.58
CA SER A 16 -25.40 4.78 6.69
C SER A 16 -26.75 4.19 6.29
N SER A 17 -27.11 3.07 6.92
CA SER A 17 -28.41 2.44 6.69
C SER A 17 -29.51 3.21 7.44
N ASN A 18 -29.11 4.16 8.27
CA ASN A 18 -30.03 5.04 8.99
C ASN A 18 -30.26 6.35 8.25
N TRP A 19 -31.53 6.66 7.98
CA TRP A 19 -31.90 7.84 7.19
C TRP A 19 -31.46 9.17 7.81
N SER A 20 -31.58 9.27 9.13
CA SER A 20 -31.21 10.48 9.87
C SER A 20 -29.73 10.80 9.70
N GLU A 21 -28.93 9.74 9.67
CA GLU A 21 -27.49 9.84 9.48
C GLU A 21 -27.13 10.20 8.04
N ARG A 22 -27.88 9.66 7.09
CA ARG A 22 -27.70 10.02 5.67
C ARG A 22 -28.01 11.49 5.44
N LYS A 23 -29.07 11.98 6.09
CA LYS A 23 -29.44 13.38 6.04
C LYS A 23 -28.32 14.27 6.57
N GLU A 24 -27.77 13.91 7.73
CA GLU A 24 -26.69 14.66 8.36
C GLU A 24 -25.43 14.63 7.50
N GLY A 25 -25.16 13.48 6.89
CA GLY A 25 -24.05 13.33 5.94
C GLY A 25 -24.15 14.25 4.74
N LEU A 26 -25.34 14.31 4.14
CA LEU A 26 -25.61 15.18 2.99
C LEU A 26 -25.46 16.67 3.33
N LEU A 27 -25.88 17.04 4.53
CA LEU A 27 -25.66 18.40 5.04
C LEU A 27 -24.15 18.70 5.14
N GLY A 28 -23.41 17.73 5.68
CA GLY A 28 -21.94 17.83 5.77
C GLY A 28 -21.28 17.90 4.40
N LEU A 29 -21.75 17.07 3.47
CA LEU A 29 -21.24 17.04 2.11
C LEU A 29 -21.51 18.35 1.37
N GLN A 30 -22.74 18.86 1.51
CA GLN A 30 -23.12 20.13 0.92
C GLN A 30 -22.18 21.23 1.41
N ASN A 31 -21.91 21.24 2.71
CA ASN A 31 -20.99 22.20 3.32
C ASN A 31 -19.58 22.07 2.74
N LEU A 32 -19.09 20.83 2.63
CA LEU A 32 -17.78 20.52 2.03
C LEU A 32 -17.68 21.09 0.62
N LEU A 33 -18.74 20.94 -0.16
CA LEU A 33 -18.79 21.43 -1.53
C LEU A 33 -18.84 22.96 -1.60
N LYS A 34 -19.67 23.57 -0.75
CA LYS A 34 -19.77 25.03 -0.66
C LYS A 34 -18.44 25.65 -0.22
N ASN A 35 -17.75 24.99 0.71
CA ASN A 35 -16.46 25.46 1.21
C ASN A 35 -15.29 25.01 0.34
N GLN A 36 -15.61 24.44 -0.83
CA GLN A 36 -14.62 23.88 -1.77
C GLN A 36 -13.53 23.08 -1.04
N ARG A 37 -13.96 22.23 -0.11
CA ARG A 37 -13.09 21.26 0.53
C ARG A 37 -12.92 20.13 -0.48
N THR A 38 -11.73 20.02 -1.04
CA THR A 38 -11.51 19.12 -2.17
C THR A 38 -11.35 17.65 -1.75
N LEU A 39 -11.80 16.77 -2.63
CA LEU A 39 -11.73 15.34 -2.38
C LEU A 39 -10.53 14.73 -3.09
N SER A 40 -9.99 13.66 -2.52
CA SER A 40 -8.99 12.84 -3.20
C SER A 40 -9.69 11.99 -4.24
N ARG A 41 -8.91 11.30 -5.06
CA ARG A 41 -9.42 10.49 -6.15
C ARG A 41 -10.24 9.30 -5.65
N ILE A 42 -9.74 8.62 -4.61
CA ILE A 42 -10.46 7.47 -4.05
C ILE A 42 -11.69 7.91 -3.23
N GLU A 43 -11.63 9.12 -2.67
CA GLU A 43 -12.78 9.68 -1.96
C GLU A 43 -13.92 9.97 -2.95
N LEU A 44 -13.57 10.58 -4.08
CA LEU A 44 -14.52 10.86 -5.16
C LEU A 44 -15.12 9.57 -5.70
N LYS A 45 -14.28 8.56 -5.90
CA LYS A 45 -14.72 7.25 -6.35
C LYS A 45 -15.74 6.65 -5.38
N ARG A 46 -15.42 6.72 -4.08
CA ARG A 46 -16.32 6.24 -3.03
C ARG A 46 -17.64 7.02 -3.00
N LEU A 47 -17.56 8.35 -3.17
CA LEU A 47 -18.75 9.18 -3.20
C LEU A 47 -19.65 8.85 -4.39
N CYS A 48 -19.05 8.61 -5.55
CA CYS A 48 -19.79 8.18 -6.73
C CYS A 48 -20.52 6.86 -6.50
N GLU A 49 -19.89 5.97 -5.75
CA GLU A 49 -20.48 4.67 -5.40
C GLU A 49 -21.64 4.82 -4.43
N ILE A 50 -21.49 5.73 -3.47
CA ILE A 50 -22.55 6.10 -2.55
C ILE A 50 -23.74 6.74 -3.28
N PHE A 51 -23.44 7.64 -4.21
CA PHE A 51 -24.47 8.35 -4.96
C PHE A 51 -25.24 7.43 -5.90
N THR A 52 -24.54 6.46 -6.49
CA THR A 52 -25.14 5.44 -7.34
C THR A 52 -26.25 4.70 -6.58
N ARG A 53 -25.96 4.32 -5.34
CA ARG A 53 -26.93 3.65 -4.47
CA ARG A 53 -26.93 3.64 -4.48
C ARG A 53 -28.01 4.60 -3.99
N PHE A 55 -29.51 6.81 -5.58
CA PHE A 55 -30.58 6.89 -6.57
C PHE A 55 -31.77 6.01 -6.20
N ALA A 56 -31.51 4.96 -5.43
CA ALA A 56 -32.56 4.08 -4.91
C ALA A 56 -32.84 4.27 -3.42
N ASP A 57 -32.60 5.47 -2.89
CA ASP A 57 -32.83 5.73 -1.47
C ASP A 57 -34.34 5.74 -1.16
N PRO A 58 -34.76 4.90 -0.19
CA PRO A 58 -36.20 4.74 0.07
C PRO A 58 -36.83 5.88 0.87
N HIS A 59 -35.99 6.72 1.49
CA HIS A 59 -36.48 7.83 2.27
C HIS A 59 -36.61 9.10 1.43
N GLY A 60 -37.83 9.64 1.38
CA GLY A 60 -38.17 10.80 0.56
C GLY A 60 -37.37 12.06 0.81
N LYS A 61 -37.10 12.36 2.08
CA LYS A 61 -36.36 13.57 2.45
C LYS A 61 -34.90 13.44 2.06
N VAL A 62 -34.31 12.28 2.36
CA VAL A 62 -32.93 11.99 2.00
C VAL A 62 -32.74 12.09 0.49
N PHE A 63 -33.66 11.50 -0.26
CA PHE A 63 -33.58 11.45 -1.73
C PHE A 63 -33.66 12.84 -2.36
N SER A 64 -34.59 13.66 -1.89
CA SER A 64 -34.72 15.05 -2.34
C SER A 64 -33.50 15.90 -2.01
N PHE A 66 -30.51 14.60 -1.65
CA PHE A 66 -29.49 14.03 -2.53
C PHE A 66 -29.52 14.69 -3.91
N LEU A 67 -30.72 14.79 -4.50
CA LEU A 67 -30.92 15.49 -5.77
C LEU A 67 -30.41 16.93 -5.76
N GLU A 68 -30.59 17.62 -4.64
CA GLU A 68 -30.12 19.00 -4.48
C GLU A 68 -28.60 19.08 -4.38
N THR A 69 -28.02 18.10 -3.70
CA THR A 69 -26.57 18.04 -3.52
C THR A 69 -25.86 17.74 -4.85
N LEU A 70 -26.52 16.99 -5.73
CA LEU A 70 -25.98 16.62 -7.04
C LEU A 70 -25.57 17.83 -7.86
N VAL A 71 -26.37 18.90 -7.76
CA VAL A 71 -26.13 20.13 -8.53
C VAL A 71 -24.75 20.70 -8.20
N ASP A 72 -24.47 20.85 -6.91
CA ASP A 72 -23.17 21.33 -6.43
C ASP A 72 -22.05 20.36 -6.73
N PHE A 73 -22.34 19.06 -6.59
CA PHE A 73 -21.37 18.00 -6.83
C PHE A 73 -20.93 17.98 -8.27
N ILE A 74 -21.91 18.01 -9.20
CA ILE A 74 -21.62 18.07 -10.61
C ILE A 74 -20.83 19.35 -10.97
N GLN A 75 -21.29 20.49 -10.47
CA GLN A 75 -20.64 21.78 -10.78
C GLN A 75 -19.18 21.85 -10.32
N VAL A 76 -18.89 21.25 -9.17
CA VAL A 76 -17.53 21.28 -8.61
C VAL A 76 -16.59 20.25 -9.27
N HIS A 77 -17.12 19.06 -9.57
CA HIS A 77 -16.27 17.94 -10.00
C HIS A 77 -16.47 17.44 -11.42
N LYS A 78 -17.22 18.19 -12.24
CA LYS A 78 -17.51 17.77 -13.63
C LYS A 78 -16.30 17.29 -14.44
N ASP A 79 -15.14 17.92 -14.25
CA ASP A 79 -13.91 17.57 -14.97
C ASP A 79 -13.46 16.14 -14.66
N ASP A 80 -13.78 15.66 -13.46
CA ASP A 80 -13.32 14.36 -12.98
C ASP A 80 -14.43 13.31 -12.93
N LEU A 81 -15.55 13.57 -13.60
CA LEU A 81 -16.73 12.71 -13.50
C LEU A 81 -17.15 12.02 -14.80
N GLN A 82 -16.27 12.04 -15.80
CA GLN A 82 -16.60 11.48 -17.12
C GLN A 82 -16.88 9.98 -17.10
N ASP A 83 -16.17 9.26 -16.24
CA ASP A 83 -16.35 7.81 -16.11
C ASP A 83 -17.61 7.45 -15.32
N TRP A 84 -18.15 8.42 -14.59
CA TRP A 84 -19.37 8.21 -13.82
C TRP A 84 -20.60 8.73 -14.56
N LEU A 85 -20.36 9.38 -15.70
CA LEU A 85 -21.41 10.05 -16.45
C LEU A 85 -22.53 9.11 -16.92
N PHE A 86 -22.17 7.91 -17.37
CA PHE A 86 -23.18 6.93 -17.79
C PHE A 86 -24.20 6.70 -16.68
N VAL A 87 -23.70 6.48 -15.47
CA VAL A 87 -24.54 6.22 -14.30
C VAL A 87 -25.38 7.45 -13.94
N LEU A 88 -24.74 8.61 -13.84
CA LEU A 88 -25.43 9.84 -13.51
C LEU A 88 -26.61 10.12 -14.43
N LEU A 89 -26.34 10.11 -15.74
CA LEU A 89 -27.32 10.51 -16.74
C LEU A 89 -28.46 9.50 -16.88
N THR A 90 -28.12 8.21 -16.94
CA THR A 90 -29.14 7.18 -17.11
C THR A 90 -30.02 7.05 -15.88
N GLN A 91 -29.42 7.14 -14.69
CA GLN A 91 -30.20 7.05 -13.45
C GLN A 91 -31.15 8.24 -13.30
N LEU A 92 -30.69 9.42 -13.72
CA LEU A 92 -31.53 10.62 -13.68
C LEU A 92 -32.69 10.51 -14.66
N LEU A 93 -32.45 9.91 -15.82
CA LEU A 93 -33.52 9.72 -16.81
C LEU A 93 -34.56 8.70 -16.35
N LYS A 94 -34.10 7.66 -15.66
CA LYS A 94 -35.00 6.70 -15.04
C LYS A 94 -35.87 7.37 -13.97
N LYS A 95 -35.25 8.19 -13.13
CA LYS A 95 -35.98 8.96 -12.10
C LYS A 95 -36.97 9.94 -12.73
N GLY A 97 -38.43 9.53 -15.47
CA GLY A 97 -39.50 8.75 -16.07
C GLY A 97 -40.30 7.94 -15.06
N ALA A 98 -39.98 8.08 -13.78
CA ALA A 98 -40.64 7.32 -12.72
C ALA A 98 -41.93 7.97 -12.17
N ASP A 99 -42.34 9.09 -12.76
CA ASP A 99 -43.57 9.79 -12.35
C ASP A 99 -43.55 10.15 -10.86
N LEU A 100 -42.49 10.82 -10.45
CA LEU A 100 -42.37 11.31 -9.07
C LEU A 100 -43.27 12.52 -8.87
N LEU A 101 -43.44 12.94 -7.62
CA LEU A 101 -44.23 14.13 -7.32
C LEU A 101 -43.59 15.36 -7.93
N GLY A 102 -44.44 16.34 -8.28
CA GLY A 102 -44.02 17.57 -8.92
C GLY A 102 -42.76 18.21 -8.35
N SER A 103 -42.72 18.38 -7.03
CA SER A 103 -41.58 19.02 -6.36
C SER A 103 -40.28 18.25 -6.58
N VAL A 104 -40.37 16.93 -6.57
CA VAL A 104 -39.22 16.04 -6.75
C VAL A 104 -38.79 15.99 -8.23
N GLN A 105 -39.76 15.95 -9.15
CA GLN A 105 -39.48 15.99 -10.59
C GLN A 105 -38.69 17.24 -10.98
N ALA A 106 -39.02 18.37 -10.35
CA ALA A 106 -38.31 19.62 -10.58
C ALA A 106 -36.81 19.49 -10.25
N LYS A 107 -36.51 18.75 -9.19
CA LYS A 107 -35.13 18.54 -8.74
C LYS A 107 -34.36 17.60 -9.66
N VAL A 108 -35.05 16.61 -10.23
CA VAL A 108 -34.47 15.70 -11.21
C VAL A 108 -34.19 16.47 -12.49
N GLN A 109 -35.19 17.24 -12.94
CA GLN A 109 -35.02 18.07 -14.14
C GLN A 109 -33.84 19.02 -13.99
N LYS A 110 -33.72 19.65 -12.82
CA LYS A 110 -32.63 20.56 -12.53
C LYS A 110 -31.27 19.84 -12.61
N ALA A 111 -31.18 18.68 -11.98
CA ALA A 111 -29.97 17.86 -12.05
C ALA A 111 -29.63 17.46 -13.50
N LEU A 112 -30.65 17.13 -14.28
CA LEU A 112 -30.46 16.83 -15.71
C LEU A 112 -29.94 18.03 -16.48
N ASP A 113 -30.49 19.22 -16.19
CA ASP A 113 -30.08 20.44 -16.87
C ASP A 113 -28.62 20.77 -16.56
N ILE A 114 -28.24 20.62 -15.29
CA ILE A 114 -26.86 20.83 -14.85
C ILE A 114 -25.93 19.84 -15.57
N THR A 115 -26.30 18.56 -15.56
CA THR A 115 -25.55 17.52 -16.28
C THR A 115 -25.35 17.90 -17.74
N ARG A 116 -26.42 18.29 -18.41
CA ARG A 116 -26.40 18.58 -19.84
C ARG A 116 -25.42 19.70 -20.21
N GLU A 117 -25.25 20.68 -19.31
CA GLU A 117 -24.37 21.81 -19.57
C GLU A 117 -22.96 21.62 -18.98
N SER A 118 -22.73 20.49 -18.31
CA SER A 118 -21.47 20.28 -17.60
C SER A 118 -20.50 19.27 -18.25
N PHE A 119 -20.95 18.58 -19.29
CA PHE A 119 -20.16 17.48 -19.86
C PHE A 119 -20.07 17.60 -21.38
N PRO A 120 -19.01 17.03 -21.99
CA PRO A 120 -18.92 17.09 -23.47
C PRO A 120 -20.15 16.50 -24.12
N ASN A 121 -20.61 17.13 -25.20
CA ASN A 121 -21.83 16.74 -25.89
C ASN A 121 -21.76 15.34 -26.53
N ASP A 122 -20.66 15.05 -27.22
CA ASP A 122 -20.48 13.76 -27.89
C ASP A 122 -20.61 12.60 -26.90
N LEU A 123 -19.92 12.71 -25.76
CA LEU A 123 -19.96 11.71 -24.70
C LEU A 123 -21.37 11.51 -24.14
N GLN A 124 -22.08 12.61 -23.90
CA GLN A 124 -23.49 12.55 -23.47
C GLN A 124 -24.33 11.84 -24.52
N PHE A 125 -24.14 12.23 -25.78
CA PHE A 125 -24.93 11.68 -26.89
C PHE A 125 -24.72 10.19 -27.06
N ASN A 126 -23.47 9.73 -26.89
CA ASN A 126 -23.13 8.32 -27.05
C ASN A 126 -23.78 7.46 -25.98
N ILE A 127 -23.81 7.99 -24.75
CA ILE A 127 -24.52 7.34 -23.65
C ILE A 127 -26.01 7.24 -23.97
N LEU A 128 -26.55 8.29 -24.56
CA LEU A 128 -27.97 8.33 -24.89
C LEU A 128 -28.35 7.35 -25.99
N ARG A 130 -26.74 4.38 -26.66
CA ARG A 130 -26.69 3.07 -26.00
C ARG A 130 -27.88 2.85 -25.06
N PHE A 131 -28.27 3.88 -24.31
CA PHE A 131 -29.39 3.78 -23.37
C PHE A 131 -30.72 3.54 -24.07
N THR A 132 -30.91 4.19 -25.22
CA THR A 132 -32.10 4.03 -26.03
C THR A 132 -32.30 2.58 -26.48
N VAL A 133 -31.21 1.91 -26.84
CA VAL A 133 -31.26 0.51 -27.29
C VAL A 133 -31.10 -0.50 -26.15
N ASP A 134 -30.63 -0.01 -24.99
CA ASP A 134 -30.26 -0.89 -23.86
C ASP A 134 -31.23 -2.05 -23.68
N GLN A 135 -30.68 -3.26 -23.82
CA GLN A 135 -31.46 -4.50 -23.88
C GLN A 135 -31.67 -5.14 -22.51
N THR A 136 -30.91 -4.69 -21.51
CA THR A 136 -30.98 -5.24 -20.15
C THR A 136 -32.08 -4.61 -19.29
N GLN A 137 -33.13 -4.14 -19.96
CA GLN A 137 -34.23 -3.39 -19.32
C GLN A 137 -35.30 -3.03 -20.36
N THR A 138 -36.51 -2.74 -19.88
CA THR A 138 -37.61 -2.37 -20.78
C THR A 138 -38.30 -1.09 -20.30
N PRO A 139 -37.91 0.06 -20.86
CA PRO A 139 -38.36 1.38 -20.43
C PRO A 139 -39.87 1.58 -20.56
N SER A 140 -40.46 2.21 -19.55
CA SER A 140 -41.85 2.63 -19.57
C SER A 140 -42.03 3.77 -20.57
N LEU A 141 -43.28 4.14 -20.84
CA LEU A 141 -43.59 5.24 -21.74
C LEU A 141 -42.96 6.57 -21.26
N LYS A 142 -42.99 6.80 -19.94
CA LYS A 142 -42.48 8.04 -19.36
C LYS A 142 -40.94 8.12 -19.37
N VAL A 143 -40.27 6.97 -19.21
CA VAL A 143 -38.81 6.90 -19.35
C VAL A 143 -38.40 7.25 -20.79
N LYS A 144 -39.16 6.73 -21.76
CA LYS A 144 -38.94 7.03 -23.19
C LYS A 144 -39.06 8.53 -23.45
N VAL A 145 -40.13 9.12 -22.93
CA VAL A 145 -40.36 10.57 -23.05
C VAL A 145 -39.16 11.36 -22.51
N ALA A 146 -38.70 11.00 -21.32
CA ALA A 146 -37.57 11.68 -20.68
C ALA A 146 -36.27 11.54 -21.48
N ILE A 147 -35.97 10.33 -21.95
CA ILE A 147 -34.82 10.10 -22.84
C ILE A 147 -34.90 10.98 -24.08
N LEU A 148 -36.06 10.97 -24.73
CA LEU A 148 -36.27 11.72 -25.97
C LEU A 148 -36.18 13.24 -25.78
N LYS A 149 -36.83 13.75 -24.74
CA LYS A 149 -36.75 15.19 -24.45
C LYS A 149 -35.31 15.63 -24.23
N TYR A 150 -34.53 14.80 -23.54
CA TYR A 150 -33.13 15.09 -23.28
C TYR A 150 -32.31 15.10 -24.58
N ILE A 151 -32.48 14.05 -25.40
CA ILE A 151 -31.86 14.01 -26.74
C ILE A 151 -32.14 15.32 -27.46
N GLU A 152 -33.43 15.64 -27.59
CA GLU A 152 -33.85 16.84 -28.32
C GLU A 152 -33.13 18.10 -27.83
N THR A 153 -33.06 18.27 -26.51
CA THR A 153 -32.40 19.46 -25.93
C THR A 153 -30.89 19.43 -26.18
N LEU A 154 -30.29 18.24 -26.09
CA LEU A 154 -28.86 18.08 -26.35
C LEU A 154 -28.54 18.39 -27.81
N ALA A 155 -29.45 18.02 -28.71
CA ALA A 155 -29.29 18.27 -30.14
C ALA A 155 -29.24 19.75 -30.48
N LYS A 156 -29.92 20.58 -29.68
CA LYS A 156 -29.94 22.02 -29.86
C LYS A 156 -28.62 22.70 -29.47
N GLN A 157 -27.78 21.98 -28.73
CA GLN A 157 -26.51 22.55 -28.29
C GLN A 157 -25.28 21.81 -28.87
N ASP A 159 -22.56 20.06 -31.68
CA ASP A 159 -21.91 20.28 -32.96
C ASP A 159 -22.41 19.22 -33.94
N PRO A 160 -22.51 19.55 -35.24
CA PRO A 160 -22.92 18.59 -36.26
C PRO A 160 -22.11 17.28 -36.26
N ARG A 161 -20.81 17.36 -35.99
CA ARG A 161 -19.95 16.15 -36.02
C ARG A 161 -19.97 15.36 -34.71
N ASP A 162 -20.89 15.72 -33.80
CA ASP A 162 -21.14 14.91 -32.61
C ASP A 162 -22.13 13.78 -32.98
N PHE A 163 -22.79 13.95 -34.13
CA PHE A 163 -23.76 12.98 -34.62
C PHE A 163 -23.24 12.29 -35.88
N THR A 164 -22.96 10.99 -35.78
CA THR A 164 -22.41 10.21 -36.89
C THR A 164 -23.25 8.98 -37.22
N ASN A 165 -23.23 8.59 -38.49
CA ASN A 165 -23.89 7.39 -38.97
C ASN A 165 -23.09 6.14 -38.62
N SER A 166 -23.28 5.66 -37.39
CA SER A 166 -22.65 4.43 -36.92
C SER A 166 -23.71 3.35 -36.75
N SER A 167 -23.31 2.17 -36.30
CA SER A 167 -24.24 1.07 -36.06
C SER A 167 -25.14 1.33 -34.85
N GLU A 168 -24.55 1.81 -33.75
CA GLU A 168 -25.30 2.13 -32.54
C GLU A 168 -26.31 3.27 -32.73
N THR A 169 -25.89 4.31 -33.44
CA THR A 169 -26.74 5.46 -33.70
C THR A 169 -27.81 5.12 -34.73
N ARG A 170 -27.49 4.20 -35.64
CA ARG A 170 -28.44 3.64 -36.59
C ARG A 170 -29.48 2.77 -35.87
N LEU A 171 -29.00 1.99 -34.91
CA LEU A 171 -29.85 1.12 -34.09
C LEU A 171 -30.78 1.94 -33.18
N ALA A 172 -30.32 3.11 -32.74
CA ALA A 172 -31.09 3.99 -31.87
C ALA A 172 -32.17 4.76 -32.62
N VAL A 173 -31.79 5.33 -33.77
CA VAL A 173 -32.72 6.08 -34.60
C VAL A 173 -33.88 5.20 -35.10
N SER A 174 -33.59 3.93 -35.38
CA SER A 174 -34.59 2.93 -35.76
C SER A 174 -35.70 2.82 -34.71
N ARG A 175 -35.29 2.66 -33.45
CA ARG A 175 -36.22 2.58 -32.33
C ARG A 175 -37.09 3.82 -32.22
N VAL A 176 -36.48 4.99 -32.41
CA VAL A 176 -37.16 6.28 -32.33
C VAL A 176 -38.24 6.40 -33.41
N ILE A 177 -37.92 5.97 -34.63
CA ILE A 177 -38.86 5.99 -35.78
C ILE A 177 -40.20 5.35 -35.41
N THR A 178 -40.14 4.16 -34.82
CA THR A 178 -41.34 3.41 -34.47
C THR A 178 -42.08 4.03 -33.29
N TRP A 179 -41.32 4.54 -32.32
CA TRP A 179 -41.88 5.26 -31.18
C TRP A 179 -42.65 6.50 -31.62
N THR A 180 -42.42 6.93 -32.87
CA THR A 180 -43.10 8.08 -33.43
C THR A 180 -44.54 7.75 -33.86
N THR A 181 -44.85 6.47 -33.94
CA THR A 181 -46.20 6.01 -34.28
C THR A 181 -46.92 5.51 -33.03
N GLU A 182 -46.24 5.59 -31.88
CA GLU A 182 -46.71 5.07 -30.60
C GLU A 182 -48.17 5.40 -30.29
N PRO A 183 -49.04 4.37 -30.25
CA PRO A 183 -50.47 4.56 -29.99
C PRO A 183 -50.81 4.83 -28.52
N LYS A 184 -50.00 4.28 -27.61
CA LYS A 184 -50.24 4.40 -26.17
C LYS A 184 -49.94 5.79 -25.61
N SER A 185 -49.12 6.56 -26.32
CA SER A 185 -48.71 7.87 -25.83
C SER A 185 -48.50 8.91 -26.92
N SER A 186 -49.33 9.94 -26.89
CA SER A 186 -49.15 11.13 -27.71
C SER A 186 -47.85 11.86 -27.34
N ASP A 187 -47.43 11.71 -26.09
CA ASP A 187 -46.19 12.32 -25.60
C ASP A 187 -44.95 11.69 -26.22
N VAL A 188 -44.92 10.37 -26.32
CA VAL A 188 -43.87 9.67 -27.04
C VAL A 188 -43.86 10.14 -28.51
N ARG A 189 -45.05 10.13 -29.13
CA ARG A 189 -45.22 10.56 -30.53
CA ARG A 189 -45.21 10.57 -30.53
C ARG A 189 -44.54 11.91 -30.80
N LYS A 190 -44.89 12.93 -30.01
CA LYS A 190 -44.34 14.27 -30.21
C LYS A 190 -42.86 14.36 -29.86
N ALA A 191 -42.43 13.59 -28.86
CA ALA A 191 -41.04 13.59 -28.42
C ALA A 191 -40.13 12.93 -29.46
N ALA A 192 -40.59 11.82 -30.04
CA ALA A 192 -39.83 11.10 -31.06
C ALA A 192 -39.66 11.94 -32.33
N GLN A 193 -40.75 12.56 -32.78
CA GLN A 193 -40.73 13.45 -33.94
C GLN A 193 -39.72 14.57 -33.77
N SER A 194 -39.83 15.29 -32.65
CA SER A 194 -38.91 16.37 -32.33
C SER A 194 -37.46 15.88 -32.34
N VAL A 195 -37.21 14.68 -31.82
CA VAL A 195 -35.87 14.08 -31.85
C VAL A 195 -35.38 13.87 -33.28
N LEU A 196 -36.22 13.23 -34.10
CA LEU A 196 -35.88 13.00 -35.51
C LEU A 196 -35.70 14.30 -36.28
N ILE A 197 -36.57 15.27 -36.02
CA ILE A 197 -36.48 16.60 -36.61
C ILE A 197 -35.16 17.27 -36.24
N SER A 198 -34.85 17.31 -34.95
CA SER A 198 -33.65 17.98 -34.44
C SER A 198 -32.36 17.35 -34.98
N LEU A 199 -32.30 16.02 -35.01
CA LEU A 199 -31.13 15.33 -35.55
C LEU A 199 -30.95 15.56 -37.05
N PHE A 200 -32.08 15.63 -37.77
CA PHE A 200 -32.05 15.95 -39.20
C PHE A 200 -31.52 17.36 -39.44
N GLU A 201 -32.04 18.33 -38.69
CA GLU A 201 -31.63 19.73 -38.82
C GLU A 201 -30.22 19.98 -38.30
N LEU A 202 -29.75 19.12 -37.38
CA LEU A 202 -28.40 19.24 -36.85
C LEU A 202 -27.34 18.86 -37.89
N ASN A 203 -27.52 17.68 -38.50
CA ASN A 203 -26.59 17.18 -39.50
C ASN A 203 -27.37 16.47 -40.61
N THR A 204 -27.87 17.25 -41.56
CA THR A 204 -28.68 16.72 -42.67
C THR A 204 -27.99 15.60 -43.45
N PRO A 205 -26.80 15.87 -44.04
CA PRO A 205 -26.14 14.84 -44.86
C PRO A 205 -25.92 13.52 -44.12
N GLU A 206 -25.41 13.60 -42.88
CA GLU A 206 -25.14 12.40 -42.09
C GLU A 206 -26.43 11.67 -41.69
N PHE A 207 -27.52 12.42 -41.55
CA PHE A 207 -28.83 11.83 -41.26
C PHE A 207 -29.45 11.20 -42.49
N THR A 208 -29.20 11.79 -43.66
CA THR A 208 -29.66 11.24 -44.94
C THR A 208 -28.99 9.89 -45.20
N LEU A 210 -27.80 7.94 -42.83
CA LEU A 210 -28.42 7.09 -41.80
C LEU A 210 -29.70 6.45 -42.32
N LEU A 211 -30.62 7.27 -42.82
CA LEU A 211 -31.89 6.81 -43.39
C LEU A 211 -31.70 5.82 -44.54
N GLY A 212 -30.72 6.11 -45.40
CA GLY A 212 -30.39 5.27 -46.54
C GLY A 212 -29.99 3.86 -46.14
N ALA A 213 -29.33 3.75 -45.00
CA ALA A 213 -28.87 2.46 -44.48
C ALA A 213 -29.93 1.76 -43.60
N LEU A 214 -31.17 2.23 -43.70
CA LEU A 214 -32.31 1.62 -43.01
C LEU A 214 -33.29 1.00 -44.01
N PRO A 215 -34.04 -0.03 -43.58
CA PRO A 215 -35.07 -0.64 -44.44
C PRO A 215 -36.16 0.35 -44.86
N LYS A 216 -36.88 0.01 -45.94
CA LYS A 216 -37.92 0.87 -46.53
C LYS A 216 -39.02 1.28 -45.55
N THR A 217 -39.14 0.54 -44.45
CA THR A 217 -40.14 0.81 -43.42
C THR A 217 -39.79 2.07 -42.61
N PHE A 218 -38.61 2.05 -41.99
CA PHE A 218 -38.12 3.18 -41.18
C PHE A 218 -37.85 4.41 -42.05
N GLN A 219 -37.30 4.17 -43.24
CA GLN A 219 -36.92 5.22 -44.17
C GLN A 219 -38.11 6.09 -44.60
N ASP A 220 -39.18 5.43 -45.05
CA ASP A 220 -40.38 6.13 -45.52
C ASP A 220 -41.20 6.70 -44.36
N GLY A 221 -41.20 5.98 -43.24
CA GLY A 221 -41.88 6.44 -42.02
C GLY A 221 -41.34 7.78 -41.55
N ALA A 222 -40.01 7.93 -41.61
CA ALA A 222 -39.34 9.18 -41.28
C ALA A 222 -39.52 10.21 -42.39
N THR A 223 -39.61 9.74 -43.64
CA THR A 223 -39.79 10.61 -44.81
C THR A 223 -41.10 11.41 -44.73
N LYS A 224 -42.17 10.74 -44.27
CA LYS A 224 -43.46 11.41 -44.09
C LYS A 224 -43.39 12.54 -43.07
N LEU A 225 -42.52 12.40 -42.07
CA LEU A 225 -42.35 13.39 -41.00
C LEU A 225 -41.44 14.54 -41.42
N LEU A 226 -40.33 14.20 -42.07
CA LEU A 226 -39.29 15.17 -42.41
C LEU A 226 -39.63 16.07 -43.61
N HIS A 227 -40.79 15.82 -44.21
CA HIS A 227 -41.35 16.71 -45.25
C HIS A 227 -42.41 17.59 -44.57
N ASN A 228 -42.24 18.92 -44.58
CA ASN A 228 -41.12 19.61 -45.25
C ASN A 228 -39.84 19.62 -44.42
N ARG B 2 -9.63 49.14 -2.06
CA ARG B 2 -9.33 47.73 -1.69
C ARG B 2 -8.03 47.27 -2.32
N GLN B 3 -7.84 47.57 -3.61
CA GLN B 3 -6.64 47.19 -4.34
C GLN B 3 -5.44 47.95 -3.80
N THR B 4 -4.39 47.21 -3.44
CA THR B 4 -3.23 47.78 -2.78
C THR B 4 -1.93 47.20 -3.32
N GLU B 5 -0.87 47.98 -3.20
CA GLU B 5 0.48 47.50 -3.51
C GLU B 5 1.34 47.48 -2.25
N ASP B 6 0.71 47.75 -1.10
CA ASP B 6 1.39 47.63 0.18
C ASP B 6 1.58 46.15 0.49
N VAL B 7 2.82 45.71 0.49
CA VAL B 7 3.16 44.30 0.64
C VAL B 7 2.68 43.69 1.96
N ALA B 8 2.89 44.41 3.06
CA ALA B 8 2.42 43.97 4.37
C ALA B 8 0.93 43.65 4.35
N GLU B 9 0.15 44.49 3.66
CA GLU B 9 -1.28 44.28 3.51
C GLU B 9 -1.58 43.06 2.63
N VAL B 10 -0.90 42.97 1.49
CA VAL B 10 -1.03 41.84 0.58
C VAL B 10 -0.79 40.53 1.34
N LEU B 11 0.29 40.50 2.12
CA LEU B 11 0.67 39.32 2.90
C LEU B 11 -0.29 39.06 4.06
N ASN B 12 -0.76 40.14 4.70
CA ASN B 12 -1.82 40.05 5.71
C ASN B 12 -3.05 39.34 5.15
N ARG B 13 -3.44 39.73 3.93
CA ARG B 13 -4.57 39.09 3.25
C ARG B 13 -4.30 37.64 2.90
N CYS B 14 -3.11 37.36 2.38
CA CYS B 14 -2.69 35.98 2.08
C CYS B 14 -2.77 35.08 3.31
N ALA B 15 -2.58 35.69 4.49
CA ALA B 15 -2.54 34.96 5.76
C ALA B 15 -3.90 34.87 6.46
N SER B 16 -4.89 35.56 5.90
CA SER B 16 -6.22 35.67 6.51
C SER B 16 -6.93 34.32 6.66
N SER B 17 -7.75 34.20 7.70
CA SER B 17 -8.55 33.00 7.90
C SER B 17 -9.71 32.94 6.91
N ASN B 18 -10.00 34.09 6.30
CA ASN B 18 -11.07 34.25 5.31
C ASN B 18 -10.55 33.94 3.90
N TRP B 19 -11.11 32.90 3.28
CA TRP B 19 -10.66 32.42 1.97
C TRP B 19 -10.72 33.48 0.87
N SER B 20 -11.76 34.32 0.90
CA SER B 20 -11.95 35.37 -0.10
C SER B 20 -10.86 36.43 0.02
N GLU B 21 -10.42 36.69 1.24
CA GLU B 21 -9.30 37.59 1.49
C GLU B 21 -8.02 37.01 0.92
N ARG B 22 -7.78 35.72 1.18
CA ARG B 22 -6.61 35.02 0.65
C ARG B 22 -6.56 35.13 -0.87
N LYS B 23 -7.68 34.88 -1.52
CA LYS B 23 -7.83 35.08 -2.97
C LYS B 23 -7.39 36.48 -3.41
N GLU B 24 -7.88 37.50 -2.70
CA GLU B 24 -7.52 38.90 -3.00
C GLU B 24 -6.05 39.15 -2.74
N GLY B 25 -5.52 38.52 -1.69
CA GLY B 25 -4.10 38.57 -1.38
C GLY B 25 -3.27 37.99 -2.52
N LEU B 26 -3.67 36.81 -3.01
CA LEU B 26 -2.96 36.15 -4.09
C LEU B 26 -3.00 36.96 -5.37
N LEU B 27 -4.14 37.61 -5.64
CA LEU B 27 -4.25 38.55 -6.75
C LEU B 27 -3.32 39.75 -6.57
N GLY B 28 -3.26 40.28 -5.35
CA GLY B 28 -2.33 41.36 -5.01
C GLY B 28 -0.88 40.94 -5.20
N LEU B 29 -0.57 39.71 -4.82
CA LEU B 29 0.78 39.16 -4.98
C LEU B 29 1.14 38.96 -6.44
N GLN B 30 0.18 38.47 -7.23
CA GLN B 30 0.41 38.26 -8.66
C GLN B 30 0.76 39.58 -9.34
N ASN B 31 0.07 40.64 -8.94
CA ASN B 31 0.32 42.00 -9.41
C ASN B 31 1.74 42.48 -9.04
N LEU B 32 2.13 42.29 -7.78
CA LEU B 32 3.47 42.67 -7.33
C LEU B 32 4.57 41.95 -8.12
N LEU B 33 4.41 40.64 -8.29
CA LEU B 33 5.41 39.81 -8.99
C LEU B 33 5.49 40.13 -10.48
N LYS B 34 4.33 40.31 -11.12
CA LYS B 34 4.23 40.69 -12.54
C LYS B 34 4.97 42.01 -12.80
N ASN B 35 4.80 42.96 -11.89
CA ASN B 35 5.47 44.26 -11.98
C ASN B 35 6.84 44.27 -11.30
N GLN B 36 7.26 43.11 -10.82
CA GLN B 36 8.54 42.92 -10.12
C GLN B 36 8.80 43.99 -9.05
N ARG B 37 7.78 44.26 -8.25
CA ARG B 37 7.87 45.18 -7.12
C ARG B 37 8.78 44.62 -6.02
N THR B 38 9.34 45.53 -5.23
CA THR B 38 10.37 45.18 -4.24
C THR B 38 9.82 44.45 -3.03
N LEU B 39 10.54 43.41 -2.61
CA LEU B 39 10.30 42.73 -1.34
C LEU B 39 11.57 42.83 -0.51
N SER B 40 11.40 43.14 0.78
CA SER B 40 12.51 43.11 1.71
C SER B 40 12.79 41.68 2.11
N ARG B 41 13.96 41.44 2.68
CA ARG B 41 14.33 40.13 3.22
C ARG B 41 13.24 39.62 4.16
N ILE B 42 12.80 40.50 5.07
CA ILE B 42 11.77 40.17 6.07
C ILE B 42 10.45 39.78 5.43
N GLU B 43 10.05 40.51 4.39
CA GLU B 43 8.83 40.20 3.65
C GLU B 43 8.92 38.88 2.90
N LEU B 44 10.08 38.59 2.32
CA LEU B 44 10.28 37.33 1.57
C LEU B 44 10.18 36.14 2.51
N LYS B 45 10.81 36.25 3.68
CA LYS B 45 10.75 35.24 4.72
C LYS B 45 9.30 35.00 5.17
N ARG B 46 8.58 36.08 5.45
CA ARG B 46 7.17 36.01 5.81
C ARG B 46 6.35 35.37 4.69
N LEU B 47 6.62 35.77 3.45
CA LEU B 47 5.94 35.17 2.29
C LEU B 47 6.18 33.65 2.20
N CYS B 48 7.41 33.22 2.46
CA CYS B 48 7.78 31.82 2.41
C CYS B 48 7.07 31.01 3.51
N GLU B 49 6.92 31.62 4.68
CA GLU B 49 6.16 31.01 5.77
C GLU B 49 4.68 30.85 5.40
N ILE B 50 4.09 31.89 4.82
CA ILE B 50 2.70 31.86 4.38
C ILE B 50 2.48 30.82 3.29
N PHE B 51 3.38 30.78 2.31
CA PHE B 51 3.33 29.76 1.27
C PHE B 51 3.48 28.33 1.81
N THR B 52 4.36 28.16 2.79
CA THR B 52 4.54 26.86 3.45
C THR B 52 3.22 26.37 4.05
N ARG B 53 2.51 27.27 4.74
CA ARG B 53 1.20 26.97 5.31
C ARG B 53 0.15 26.74 4.22
N PHE B 55 0.22 25.25 1.52
CA PHE B 55 0.19 23.89 0.98
C PHE B 55 -0.93 23.07 1.62
N ALA B 56 -1.33 23.45 2.83
CA ALA B 56 -2.44 22.82 3.53
C ALA B 56 -3.71 23.67 3.52
N ASP B 57 -3.79 24.64 2.60
CA ASP B 57 -4.97 25.49 2.46
C ASP B 57 -6.20 24.62 2.17
N PRO B 58 -7.21 24.68 3.07
CA PRO B 58 -8.35 23.78 2.95
C PRO B 58 -9.33 24.17 1.84
N HIS B 59 -9.20 25.39 1.34
CA HIS B 59 -10.06 25.90 0.28
C HIS B 59 -9.42 25.68 -1.09
N GLY B 60 -10.12 24.92 -1.94
CA GLY B 60 -9.61 24.48 -3.23
C GLY B 60 -9.34 25.55 -4.26
N LYS B 61 -10.14 26.63 -4.24
CA LYS B 61 -9.95 27.73 -5.18
C LYS B 61 -8.70 28.52 -4.82
N VAL B 62 -8.50 28.71 -3.51
CA VAL B 62 -7.30 29.39 -3.01
C VAL B 62 -6.05 28.54 -3.30
N PHE B 63 -6.15 27.23 -3.04
CA PHE B 63 -5.03 26.32 -3.23
C PHE B 63 -4.58 26.27 -4.69
N SER B 64 -5.55 26.27 -5.62
CA SER B 64 -5.25 26.29 -7.06
C SER B 64 -4.56 27.60 -7.47
N PHE B 66 -2.90 29.58 -5.45
CA PHE B 66 -1.61 29.52 -4.79
C PHE B 66 -0.58 28.79 -5.66
N LEU B 67 -0.96 27.62 -6.19
CA LEU B 67 -0.07 26.87 -7.08
C LEU B 67 0.31 27.68 -8.32
N GLU B 68 -0.64 28.48 -8.82
CA GLU B 68 -0.39 29.37 -9.96
C GLU B 68 0.53 30.54 -9.62
N THR B 69 0.31 31.16 -8.45
CA THR B 69 1.14 32.26 -7.96
C THR B 69 2.55 31.80 -7.66
N LEU B 70 2.66 30.54 -7.24
CA LEU B 70 3.93 29.90 -6.92
C LEU B 70 4.88 29.92 -8.12
N VAL B 71 4.32 29.65 -9.30
CA VAL B 71 5.04 29.70 -10.57
C VAL B 71 5.66 31.07 -10.82
N ASP B 72 4.84 32.13 -10.73
CA ASP B 72 5.30 33.51 -10.84
C ASP B 72 6.38 33.81 -9.81
N PHE B 73 6.13 33.41 -8.57
CA PHE B 73 7.02 33.68 -7.45
C PHE B 73 8.41 33.08 -7.68
N ILE B 74 8.44 31.79 -8.01
CA ILE B 74 9.67 31.07 -8.31
C ILE B 74 10.41 31.74 -9.46
N GLN B 75 9.71 32.01 -10.57
CA GLN B 75 10.33 32.60 -11.74
C GLN B 75 11.00 33.95 -11.47
N VAL B 76 10.41 34.74 -10.58
CA VAL B 76 10.93 36.07 -10.23
C VAL B 76 12.03 36.03 -9.16
N HIS B 77 11.86 35.19 -8.15
CA HIS B 77 12.73 35.24 -6.97
C HIS B 77 13.60 34.00 -6.74
N LYS B 78 13.70 33.15 -7.75
CA LYS B 78 14.54 31.95 -7.66
C LYS B 78 15.94 32.18 -7.07
N ASP B 79 16.59 33.29 -7.45
CA ASP B 79 17.94 33.60 -6.96
C ASP B 79 17.98 33.65 -5.43
N ASP B 80 16.86 34.06 -4.83
CA ASP B 80 16.77 34.22 -3.38
C ASP B 80 15.92 33.17 -2.65
N LEU B 81 15.72 32.02 -3.29
CA LEU B 81 14.83 31.00 -2.74
C LEU B 81 15.50 29.67 -2.43
N GLN B 82 16.83 29.62 -2.54
CA GLN B 82 17.57 28.38 -2.34
C GLN B 82 17.44 27.80 -0.93
N ASP B 83 17.34 28.68 0.07
CA ASP B 83 17.10 28.27 1.46
C ASP B 83 15.73 27.60 1.63
N TRP B 84 14.77 28.02 0.81
CA TRP B 84 13.39 27.54 0.90
C TRP B 84 13.14 26.32 0.02
N LEU B 85 14.09 26.01 -0.88
CA LEU B 85 13.91 24.95 -1.88
C LEU B 85 13.54 23.59 -1.27
N PHE B 86 14.15 23.26 -0.14
CA PHE B 86 13.88 22.00 0.53
C PHE B 86 12.40 21.86 0.89
N VAL B 87 11.84 22.92 1.46
CA VAL B 87 10.41 22.95 1.79
C VAL B 87 9.56 22.96 0.52
N LEU B 88 9.89 23.82 -0.43
CA LEU B 88 9.15 23.91 -1.69
C LEU B 88 9.07 22.56 -2.41
N LEU B 89 10.23 21.94 -2.57
CA LEU B 89 10.34 20.70 -3.35
C LEU B 89 9.67 19.53 -2.65
N THR B 90 9.86 19.43 -1.34
CA THR B 90 9.28 18.32 -0.59
C THR B 90 7.76 18.48 -0.37
N GLN B 91 7.30 19.72 -0.20
CA GLN B 91 5.86 19.99 -0.12
C GLN B 91 5.13 19.69 -1.44
N LEU B 92 5.76 20.06 -2.56
CA LEU B 92 5.16 19.80 -3.88
C LEU B 92 5.08 18.31 -4.18
N LEU B 93 6.14 17.58 -3.86
CA LEU B 93 6.21 16.13 -4.08
C LEU B 93 5.20 15.37 -3.23
N LYS B 94 5.03 15.80 -1.98
CA LYS B 94 4.03 15.21 -1.10
C LYS B 94 2.63 15.36 -1.70
N LYS B 95 2.35 16.52 -2.26
CA LYS B 95 1.08 16.76 -2.95
C LYS B 95 0.91 15.86 -4.17
N GLY B 97 1.91 12.92 -4.47
CA GLY B 97 1.54 11.60 -3.98
C GLY B 97 0.37 11.62 -3.01
N ALA B 98 -0.44 12.69 -3.05
CA ALA B 98 -1.65 12.78 -2.20
C ALA B 98 -2.91 12.28 -2.92
N ASP B 99 -2.70 11.54 -4.01
CA ASP B 99 -3.79 10.97 -4.83
C ASP B 99 -4.84 12.02 -5.18
N LEU B 100 -4.36 13.16 -5.66
CA LEU B 100 -5.22 14.28 -6.00
C LEU B 100 -5.93 14.04 -7.33
N LEU B 101 -6.98 14.83 -7.57
CA LEU B 101 -7.73 14.78 -8.80
C LEU B 101 -6.89 15.31 -9.96
N GLY B 102 -7.06 14.70 -11.13
CA GLY B 102 -6.30 15.04 -12.34
C GLY B 102 -6.08 16.53 -12.53
N SER B 103 -7.15 17.31 -12.36
CA SER B 103 -7.10 18.76 -12.56
C SER B 103 -6.23 19.54 -11.56
N VAL B 104 -6.18 19.08 -10.31
CA VAL B 104 -5.31 19.68 -9.30
C VAL B 104 -3.87 19.19 -9.51
N GLN B 105 -3.74 17.91 -9.85
CA GLN B 105 -2.46 17.25 -10.06
C GLN B 105 -1.63 17.95 -11.13
N ALA B 106 -2.29 18.36 -12.21
CA ALA B 106 -1.63 19.06 -13.31
C ALA B 106 -1.09 20.43 -12.90
N LYS B 107 -1.79 21.10 -11.97
CA LYS B 107 -1.28 22.36 -11.42
C LYS B 107 -0.08 22.13 -10.49
N VAL B 108 -0.10 21.02 -9.74
CA VAL B 108 1.05 20.65 -8.92
C VAL B 108 2.24 20.30 -9.82
N GLN B 109 1.95 19.54 -10.89
CA GLN B 109 2.97 19.10 -11.84
C GLN B 109 3.64 20.31 -12.51
N LYS B 110 2.84 21.32 -12.84
CA LYS B 110 3.36 22.57 -13.42
C LYS B 110 4.34 23.29 -12.47
N ALA B 111 3.98 23.38 -11.19
CA ALA B 111 4.85 24.00 -10.20
C ALA B 111 6.16 23.23 -10.03
N LEU B 112 6.08 21.90 -10.04
CA LEU B 112 7.25 21.02 -10.02
C LEU B 112 8.15 21.25 -11.24
N ASP B 113 7.54 21.36 -12.42
CA ASP B 113 8.28 21.62 -13.65
C ASP B 113 9.02 22.95 -13.58
N ILE B 114 8.35 23.99 -13.12
CA ILE B 114 8.95 25.32 -12.98
C ILE B 114 10.10 25.27 -11.98
N THR B 115 9.85 24.64 -10.84
CA THR B 115 10.87 24.44 -9.81
C THR B 115 12.11 23.76 -10.43
N ARG B 116 11.88 22.68 -11.17
CA ARG B 116 12.97 21.91 -11.78
C ARG B 116 13.80 22.77 -12.76
N GLU B 117 13.12 23.68 -13.45
CA GLU B 117 13.76 24.55 -14.45
C GLU B 117 14.43 25.79 -13.86
N SER B 118 14.19 26.05 -12.57
CA SER B 118 14.57 27.34 -12.00
C SER B 118 15.73 27.31 -11.00
N PHE B 119 16.07 26.13 -10.50
CA PHE B 119 17.10 26.04 -9.49
C PHE B 119 18.29 25.23 -9.99
N PRO B 120 19.49 25.45 -9.41
CA PRO B 120 20.65 24.68 -9.80
C PRO B 120 20.39 23.18 -9.64
N ASN B 121 20.80 22.41 -10.65
CA ASN B 121 20.57 20.98 -10.71
C ASN B 121 21.16 20.19 -9.56
N ASP B 122 22.36 20.58 -9.11
CA ASP B 122 23.02 19.85 -8.03
C ASP B 122 22.32 20.05 -6.67
N LEU B 123 21.84 21.26 -6.43
CA LEU B 123 21.10 21.55 -5.20
C LEU B 123 19.81 20.72 -5.14
N GLN B 124 19.07 20.69 -6.23
CA GLN B 124 17.86 19.88 -6.32
C GLN B 124 18.17 18.41 -6.03
N PHE B 125 19.18 17.88 -6.74
CA PHE B 125 19.59 16.49 -6.59
C PHE B 125 19.93 16.13 -5.14
N ASN B 126 20.76 16.96 -4.50
CA ASN B 126 21.17 16.68 -3.12
C ASN B 126 20.00 16.70 -2.16
N ILE B 127 19.07 17.62 -2.37
CA ILE B 127 17.82 17.67 -1.61
C ILE B 127 16.97 16.41 -1.82
N LEU B 128 16.88 15.95 -3.06
CA LEU B 128 16.10 14.76 -3.38
C LEU B 128 16.67 13.49 -2.74
N ARG B 130 18.58 13.46 -0.03
CA ARG B 130 18.33 13.62 1.41
C ARG B 130 16.92 13.18 1.79
N PHE B 131 15.94 13.60 0.98
CA PHE B 131 14.53 13.28 1.18
C PHE B 131 14.29 11.77 1.13
N THR B 132 15.05 11.08 0.28
CA THR B 132 15.00 9.63 0.16
C THR B 132 15.37 8.95 1.49
N VAL B 133 16.32 9.54 2.22
CA VAL B 133 16.88 8.93 3.43
C VAL B 133 16.51 9.66 4.74
N ASP B 134 15.63 10.66 4.64
CA ASP B 134 15.22 11.45 5.81
C ASP B 134 14.42 10.62 6.81
N GLN B 135 14.91 10.57 8.05
CA GLN B 135 14.32 9.71 9.09
C GLN B 135 13.19 10.36 9.91
N THR B 136 13.05 11.68 9.79
CA THR B 136 11.86 12.37 10.30
C THR B 136 10.67 12.06 9.40
N GLN B 137 10.96 11.47 8.24
CA GLN B 137 9.98 11.26 7.19
C GLN B 137 9.63 9.79 7.03
N THR B 138 8.34 9.51 6.88
CA THR B 138 7.86 8.18 6.51
C THR B 138 6.98 8.30 5.26
N PRO B 139 7.59 8.57 4.10
CA PRO B 139 6.80 8.83 2.89
C PRO B 139 5.99 7.61 2.47
N SER B 140 4.77 7.85 2.02
CA SER B 140 3.93 6.81 1.47
C SER B 140 4.53 6.25 0.18
N LEU B 141 3.96 5.16 -0.30
CA LEU B 141 4.36 4.57 -1.58
C LEU B 141 4.18 5.56 -2.73
N LYS B 142 3.05 6.30 -2.70
CA LYS B 142 2.71 7.27 -3.73
C LYS B 142 3.71 8.43 -3.79
N VAL B 143 4.10 8.94 -2.62
CA VAL B 143 5.09 10.01 -2.52
C VAL B 143 6.45 9.51 -3.03
N LYS B 144 6.79 8.26 -2.69
CA LYS B 144 8.01 7.62 -3.16
C LYS B 144 8.07 7.56 -4.69
N VAL B 145 6.93 7.29 -5.32
CA VAL B 145 6.83 7.31 -6.79
C VAL B 145 7.10 8.71 -7.34
N ALA B 146 6.47 9.74 -6.77
CA ALA B 146 6.70 11.12 -7.19
C ALA B 146 8.17 11.55 -7.04
N ILE B 147 8.79 11.18 -5.92
CA ILE B 147 10.21 11.47 -5.68
C ILE B 147 11.09 10.85 -6.75
N LEU B 148 10.88 9.56 -7.00
CA LEU B 148 11.68 8.84 -7.99
C LEU B 148 11.50 9.37 -9.40
N LYS B 149 10.26 9.70 -9.77
CA LYS B 149 9.99 10.24 -11.10
C LYS B 149 10.66 11.59 -11.29
N TYR B 150 10.63 12.42 -10.25
CA TYR B 150 11.29 13.72 -10.29
C TYR B 150 12.80 13.54 -10.49
N ILE B 151 13.39 12.61 -9.74
CA ILE B 151 14.82 12.31 -9.87
C ILE B 151 15.18 11.90 -11.30
N GLU B 152 14.42 10.97 -11.85
CA GLU B 152 14.66 10.49 -13.22
C GLU B 152 14.63 11.64 -14.21
N THR B 153 13.59 12.46 -14.12
CA THR B 153 13.43 13.64 -14.97
C THR B 153 14.61 14.58 -14.77
N LEU B 154 14.99 14.80 -13.51
CA LEU B 154 16.13 15.68 -13.18
C LEU B 154 17.44 15.16 -13.75
N ALA B 155 17.64 13.84 -13.71
CA ALA B 155 18.85 13.21 -14.24
C ALA B 155 19.07 13.49 -15.73
N LYS B 156 17.97 13.68 -16.46
CA LYS B 156 18.01 13.94 -17.91
C LYS B 156 18.49 15.35 -18.26
N GLN B 157 18.62 16.23 -17.27
CA GLN B 157 19.06 17.61 -17.51
C GLN B 157 20.35 17.97 -16.77
N ASP B 159 24.27 17.80 -15.56
CA ASP B 159 25.60 17.52 -16.09
C ASP B 159 26.17 16.35 -15.28
N PRO B 160 27.00 15.50 -15.90
CA PRO B 160 27.60 14.37 -15.18
C PRO B 160 28.27 14.80 -13.87
N ARG B 161 28.84 16.00 -13.88
CA ARG B 161 29.53 16.55 -12.71
C ARG B 161 28.59 16.91 -11.55
N ASP B 162 27.28 16.90 -11.79
CA ASP B 162 26.28 17.15 -10.74
C ASP B 162 26.06 15.93 -9.84
N PHE B 163 26.40 14.76 -10.36
CA PHE B 163 26.35 13.53 -9.58
C PHE B 163 27.76 13.22 -9.05
N THR B 164 27.88 13.14 -7.72
CA THR B 164 29.17 12.86 -7.09
C THR B 164 29.06 11.75 -6.06
N ASN B 165 30.08 10.90 -6.02
CA ASN B 165 30.18 9.82 -5.03
C ASN B 165 30.49 10.38 -3.63
N SER B 166 29.45 10.91 -2.99
CA SER B 166 29.54 11.42 -1.63
C SER B 166 28.80 10.49 -0.66
N SER B 167 29.04 10.68 0.64
CA SER B 167 28.39 9.88 1.69
C SER B 167 26.87 9.94 1.62
N GLU B 168 26.32 11.14 1.42
CA GLU B 168 24.88 11.34 1.27
C GLU B 168 24.31 10.59 0.07
N THR B 169 25.00 10.67 -1.05
CA THR B 169 24.58 10.02 -2.29
C THR B 169 24.61 8.52 -2.14
N ARG B 170 25.63 8.01 -1.45
CA ARG B 170 25.78 6.57 -1.21
C ARG B 170 24.63 6.01 -0.39
N LEU B 171 24.30 6.70 0.71
CA LEU B 171 23.15 6.33 1.54
C LEU B 171 21.86 6.36 0.73
N ALA B 172 21.73 7.36 -0.15
CA ALA B 172 20.53 7.52 -0.96
C ALA B 172 20.41 6.46 -2.06
N VAL B 173 21.51 6.17 -2.73
CA VAL B 173 21.52 5.13 -3.76
C VAL B 173 21.27 3.74 -3.15
N SER B 174 21.81 3.50 -1.96
CA SER B 174 21.54 2.26 -1.21
C SER B 174 20.04 2.05 -1.00
N ARG B 175 19.36 3.10 -0.56
CA ARG B 175 17.93 3.06 -0.31
C ARG B 175 17.14 2.81 -1.60
N VAL B 176 17.50 3.53 -2.66
CA VAL B 176 16.87 3.34 -3.97
C VAL B 176 17.06 1.90 -4.46
N ILE B 177 18.22 1.31 -4.17
CA ILE B 177 18.48 -0.09 -4.52
C ILE B 177 17.53 -1.05 -3.79
N THR B 178 17.27 -0.80 -2.50
CA THR B 178 16.33 -1.62 -1.75
C THR B 178 14.90 -1.45 -2.30
N TRP B 179 14.55 -0.22 -2.67
CA TRP B 179 13.25 0.11 -3.23
C TRP B 179 12.96 -0.60 -4.56
N THR B 180 14.01 -1.04 -5.25
CA THR B 180 13.84 -1.74 -6.53
C THR B 180 13.16 -3.10 -6.39
N THR B 181 13.06 -3.60 -5.16
CA THR B 181 12.42 -4.88 -4.86
C THR B 181 11.24 -4.74 -3.90
N GLU B 182 10.77 -3.52 -3.70
CA GLU B 182 9.72 -3.29 -2.76
C GLU B 182 8.51 -4.06 -3.21
N PRO B 183 8.03 -4.94 -2.34
CA PRO B 183 6.92 -5.85 -2.64
C PRO B 183 5.54 -5.21 -2.66
N LYS B 184 5.37 -4.10 -1.95
CA LYS B 184 4.06 -3.46 -1.81
C LYS B 184 3.66 -2.60 -3.00
N SER B 185 4.62 -2.28 -3.87
CA SER B 185 4.35 -1.43 -5.04
C SER B 185 5.23 -1.77 -6.23
N SER B 186 4.60 -2.06 -7.36
CA SER B 186 5.30 -2.23 -8.63
C SER B 186 5.79 -0.90 -9.19
N ASP B 187 4.98 0.14 -9.01
CA ASP B 187 5.34 1.48 -9.45
C ASP B 187 6.60 1.99 -8.77
N VAL B 188 6.73 1.71 -7.47
CA VAL B 188 7.95 2.03 -6.72
C VAL B 188 9.15 1.25 -7.28
N ARG B 189 8.97 -0.04 -7.54
CA ARG B 189 10.04 -0.88 -8.10
C ARG B 189 10.50 -0.40 -9.47
N LYS B 190 9.54 -0.09 -10.35
CA LYS B 190 9.85 0.37 -11.71
C LYS B 190 10.49 1.76 -11.72
N ALA B 191 9.99 2.66 -10.89
CA ALA B 191 10.53 4.01 -10.78
C ALA B 191 11.94 4.00 -10.20
N ALA B 192 12.16 3.18 -9.18
CA ALA B 192 13.49 3.03 -8.57
C ALA B 192 14.50 2.48 -9.58
N GLN B 193 14.09 1.47 -10.35
CA GLN B 193 14.93 0.86 -11.38
C GLN B 193 15.42 1.88 -12.40
N SER B 194 14.51 2.72 -12.88
CA SER B 194 14.86 3.73 -13.89
C SER B 194 15.75 4.85 -13.34
N VAL B 195 15.60 5.16 -12.06
CA VAL B 195 16.50 6.10 -11.37
C VAL B 195 17.95 5.58 -11.37
N LEU B 196 18.12 4.31 -11.00
CA LEU B 196 19.45 3.69 -10.98
C LEU B 196 20.06 3.69 -12.37
N ILE B 197 19.26 3.28 -13.36
CA ILE B 197 19.66 3.30 -14.77
C ILE B 197 20.07 4.70 -15.20
N SER B 198 19.27 5.69 -14.81
CA SER B 198 19.53 7.07 -15.20
C SER B 198 20.83 7.61 -14.62
N LEU B 199 21.08 7.37 -13.34
CA LEU B 199 22.28 7.85 -12.67
C LEU B 199 23.55 7.15 -13.18
N PHE B 200 23.44 5.85 -13.43
CA PHE B 200 24.53 5.08 -14.02
C PHE B 200 24.93 5.66 -15.38
N GLU B 201 23.95 5.88 -16.24
CA GLU B 201 24.18 6.44 -17.58
C GLU B 201 24.61 7.90 -17.57
N LEU B 202 24.19 8.63 -16.53
CA LEU B 202 24.57 10.03 -16.36
C LEU B 202 26.08 10.18 -16.14
N ASN B 203 26.61 9.42 -15.17
CA ASN B 203 28.04 9.43 -14.88
C ASN B 203 28.50 8.04 -14.48
N THR B 204 28.86 7.25 -15.49
CA THR B 204 29.26 5.85 -15.29
C THR B 204 30.52 5.66 -14.42
N PRO B 205 31.60 6.43 -14.69
CA PRO B 205 32.79 6.31 -13.84
C PRO B 205 32.49 6.62 -12.37
N GLU B 206 31.69 7.65 -12.12
CA GLU B 206 31.35 8.06 -10.76
C GLU B 206 30.39 7.07 -10.09
N PHE B 207 29.43 6.55 -10.86
CA PHE B 207 28.46 5.59 -10.36
C PHE B 207 29.13 4.25 -10.01
N THR B 208 30.13 3.87 -10.79
CA THR B 208 30.90 2.64 -10.55
C THR B 208 31.69 2.78 -9.25
N LEU B 210 31.09 4.67 -6.88
CA LEU B 210 30.08 4.68 -5.82
C LEU B 210 29.66 3.25 -5.45
N LEU B 211 29.39 2.43 -6.46
CA LEU B 211 29.00 1.04 -6.27
C LEU B 211 30.04 0.23 -5.49
N GLY B 212 31.32 0.43 -5.83
CA GLY B 212 32.42 -0.27 -5.18
C GLY B 212 32.60 0.09 -3.71
N ALA B 213 32.05 1.23 -3.31
CA ALA B 213 32.09 1.66 -1.91
C ALA B 213 30.88 1.17 -1.12
N LEU B 214 29.84 0.76 -1.83
CA LEU B 214 28.62 0.24 -1.21
C LEU B 214 28.82 -1.19 -0.71
N PRO B 215 28.15 -1.55 0.40
CA PRO B 215 28.13 -2.94 0.89
C PRO B 215 27.77 -3.95 -0.20
N LYS B 216 28.26 -5.17 -0.02
CA LYS B 216 28.15 -6.26 -1.02
C LYS B 216 26.73 -6.49 -1.55
N THR B 217 25.76 -6.51 -0.63
CA THR B 217 24.36 -6.78 -0.98
C THR B 217 23.76 -5.77 -1.97
N PHE B 218 24.06 -4.49 -1.75
CA PHE B 218 23.61 -3.43 -2.66
C PHE B 218 24.23 -3.56 -4.04
N GLN B 219 25.50 -3.97 -4.09
CA GLN B 219 26.21 -4.18 -5.36
C GLN B 219 25.54 -5.26 -6.20
N ASP B 220 25.02 -6.29 -5.52
CA ASP B 220 24.35 -7.40 -6.18
C ASP B 220 22.98 -7.02 -6.76
N GLY B 221 22.24 -6.19 -6.02
CA GLY B 221 20.94 -5.69 -6.48
C GLY B 221 21.05 -4.75 -7.66
N ALA B 222 22.13 -3.98 -7.70
CA ALA B 222 22.36 -2.99 -8.75
C ALA B 222 22.86 -3.63 -10.05
N THR B 223 23.92 -4.42 -9.95
CA THR B 223 24.52 -5.10 -11.10
C THR B 223 23.51 -6.04 -11.78
N LYS B 224 22.67 -6.67 -10.94
CA LYS B 224 21.55 -7.49 -11.41
C LYS B 224 20.66 -6.74 -12.41
N LEU B 225 20.50 -5.44 -12.19
CA LEU B 225 19.65 -4.60 -13.05
C LEU B 225 20.45 -3.89 -14.12
N LEU B 226 21.70 -3.54 -13.82
CA LEU B 226 22.59 -2.88 -14.78
C LEU B 226 22.99 -3.83 -15.90
N HIS B 227 23.19 -5.10 -15.56
CA HIS B 227 23.47 -6.16 -16.52
C HIS B 227 22.27 -6.32 -17.46
N ASN B 228 21.06 -6.32 -16.89
CA ASN B 228 19.82 -6.47 -17.63
C ASN B 228 19.44 -5.27 -18.49
N HIS B 229 20.00 -4.10 -18.17
CA HIS B 229 19.71 -2.88 -18.91
C HIS B 229 20.38 -2.86 -20.29
N LEU B 230 21.70 -3.01 -20.31
CA LEU B 230 22.46 -2.89 -21.55
C LEU B 230 22.92 -4.25 -22.06
N ARG C 2 21.25 21.70 19.37
CA ARG C 2 20.39 21.60 20.59
C ARG C 2 19.08 20.87 20.32
N GLN C 3 18.94 19.69 20.92
CA GLN C 3 17.75 18.85 20.76
C GLN C 3 17.38 18.20 22.09
N THR C 4 16.21 17.53 22.11
CA THR C 4 15.76 16.76 23.27
C THR C 4 16.70 15.60 23.55
N GLU C 5 17.56 15.30 22.59
CA GLU C 5 18.41 14.17 22.73
C GLU C 5 19.59 14.45 23.60
N ASP C 6 19.37 14.18 24.87
CA ASP C 6 20.40 14.26 25.90
C ASP C 6 20.83 12.84 26.24
N VAL C 7 22.14 12.59 26.13
CA VAL C 7 22.72 11.25 26.34
C VAL C 7 22.32 10.60 27.66
N ALA C 8 22.27 11.39 28.73
CA ALA C 8 21.87 10.91 30.05
C ALA C 8 20.45 10.34 30.03
N GLU C 9 19.50 11.16 29.56
CA GLU C 9 18.09 10.77 29.57
C GLU C 9 17.74 9.73 28.50
N VAL C 10 18.47 9.72 27.40
CA VAL C 10 18.28 8.71 26.35
C VAL C 10 18.63 7.32 26.89
N LEU C 11 19.75 7.24 27.61
CA LEU C 11 20.16 6.00 28.26
C LEU C 11 19.24 5.63 29.41
N ASN C 12 18.71 6.65 30.09
CA ASN C 12 17.76 6.45 31.19
C ASN C 12 16.45 5.84 30.74
N ARG C 13 15.94 6.32 29.61
CA ARG C 13 14.71 5.80 29.01
C ARG C 13 14.89 4.36 28.50
N CYS C 14 16.10 4.05 28.05
CA CYS C 14 16.47 2.69 27.67
C CYS C 14 16.48 1.75 28.88
N ALA C 15 17.00 2.25 30.01
CA ALA C 15 17.08 1.47 31.25
C ALA C 15 15.80 1.53 32.09
N SER C 16 14.73 2.05 31.50
CA SER C 16 13.45 2.23 32.19
C SER C 16 12.67 0.92 32.32
N SER C 17 11.84 0.83 33.36
CA SER C 17 10.99 -0.33 33.60
C SER C 17 9.76 -0.35 32.69
N ASN C 18 9.46 0.79 32.08
CA ASN C 18 8.31 0.93 31.20
C ASN C 18 8.69 0.69 29.73
N TRP C 19 7.89 -0.13 29.06
CA TRP C 19 8.19 -0.57 27.69
C TRP C 19 8.15 0.56 26.65
N SER C 20 7.15 1.44 26.76
CA SER C 20 6.99 2.54 25.81
C SER C 20 8.08 3.61 25.95
N GLU C 21 8.67 3.69 27.15
CA GLU C 21 9.80 4.57 27.42
C GLU C 21 11.10 3.99 26.85
N ARG C 22 11.26 2.67 26.98
CA ARG C 22 12.36 1.96 26.33
C ARG C 22 12.26 2.10 24.82
N LYS C 23 11.03 2.02 24.29
CA LYS C 23 10.75 2.27 22.88
C LYS C 23 11.22 3.66 22.46
N GLU C 24 10.88 4.66 23.26
CA GLU C 24 11.19 6.06 22.95
C GLU C 24 12.68 6.36 23.13
N GLY C 25 13.30 5.71 24.12
CA GLY C 25 14.74 5.82 24.33
C GLY C 25 15.53 5.24 23.16
N LEU C 26 15.08 4.08 22.67
CA LEU C 26 15.74 3.41 21.55
C LEU C 26 15.59 4.19 20.25
N LEU C 27 14.45 4.85 20.06
CA LEU C 27 14.26 5.75 18.93
C LEU C 27 15.23 6.94 19.01
N GLY C 28 15.46 7.41 20.23
CA GLY C 28 16.41 8.48 20.49
C GLY C 28 17.85 8.04 20.30
N LEU C 29 18.15 6.82 20.72
CA LEU C 29 19.48 6.25 20.61
C LEU C 29 19.86 6.01 19.15
N GLN C 30 18.87 5.60 18.36
CA GLN C 30 19.04 5.42 16.92
C GLN C 30 19.33 6.77 16.25
N ASN C 31 18.55 7.78 16.62
CA ASN C 31 18.77 9.16 16.20
C ASN C 31 20.22 9.59 16.48
N LEU C 32 20.63 9.44 17.74
CA LEU C 32 22.00 9.71 18.18
C LEU C 32 23.05 8.99 17.33
N LEU C 33 22.82 7.71 17.03
CA LEU C 33 23.78 6.90 16.29
C LEU C 33 23.78 7.21 14.79
N LYS C 34 22.60 7.46 14.23
CA LYS C 34 22.45 7.84 12.82
C LYS C 34 23.27 9.10 12.48
N ASN C 35 23.28 10.05 13.41
CA ASN C 35 23.97 11.32 13.22
C ASN C 35 25.40 11.28 13.75
N GLN C 36 25.79 10.13 14.28
CA GLN C 36 27.11 9.91 14.85
C GLN C 36 27.48 10.95 15.91
N ARG C 37 26.53 11.24 16.79
CA ARG C 37 26.74 12.14 17.90
C ARG C 37 27.68 11.51 18.92
N THR C 38 28.50 12.35 19.55
CA THR C 38 29.61 11.90 20.38
C THR C 38 29.17 11.20 21.67
N LEU C 39 29.75 10.03 21.90
CA LEU C 39 29.60 9.32 23.17
C LEU C 39 30.97 9.29 23.85
N SER C 40 31.01 9.69 25.12
CA SER C 40 32.24 9.60 25.92
C SER C 40 32.53 8.13 26.25
N ARG C 41 33.71 7.89 26.82
CA ARG C 41 34.16 6.54 27.14
C ARG C 41 33.32 5.87 28.21
N ILE C 42 32.86 6.65 29.18
CA ILE C 42 32.02 6.12 30.26
C ILE C 42 30.57 5.95 29.82
N GLU C 43 30.13 6.78 28.86
CA GLU C 43 28.79 6.68 28.30
C GLU C 43 28.63 5.43 27.43
N LEU C 44 29.67 5.11 26.66
CA LEU C 44 29.70 3.91 25.84
C LEU C 44 29.71 2.67 26.73
N LYS C 45 30.50 2.75 27.80
CA LYS C 45 30.59 1.69 28.80
C LYS C 45 29.25 1.46 29.50
N ARG C 46 28.51 2.55 29.74
CA ARG C 46 27.19 2.47 30.35
C ARG C 46 26.17 1.84 29.39
N LEU C 47 26.19 2.27 28.13
CA LEU C 47 25.26 1.75 27.12
C LEU C 47 25.48 0.26 26.88
N CYS C 48 26.74 -0.17 26.92
CA CYS C 48 27.09 -1.58 26.78
C CYS C 48 26.49 -2.43 27.90
N GLU C 49 26.41 -1.86 29.10
CA GLU C 49 25.80 -2.52 30.25
C GLU C 49 24.28 -2.58 30.12
N ILE C 50 23.69 -1.48 29.63
CA ILE C 50 22.26 -1.43 29.33
C ILE C 50 21.88 -2.45 28.25
N PHE C 51 22.67 -2.52 27.18
CA PHE C 51 22.42 -3.44 26.07
C PHE C 51 22.60 -4.91 26.47
N THR C 52 23.55 -5.16 27.37
CA THR C 52 23.79 -6.49 27.92
C THR C 52 22.55 -7.01 28.65
N ARG C 53 21.96 -6.17 29.49
CA ARG C 53 20.72 -6.50 30.19
C ARG C 53 19.53 -6.61 29.25
N PHE C 55 19.25 -7.94 26.48
CA PHE C 55 19.10 -9.27 25.88
C PHE C 55 17.94 -10.05 26.52
N ALA C 56 17.58 -9.67 27.75
CA ALA C 56 16.49 -10.32 28.48
C ALA C 56 15.20 -9.49 28.51
N ASP C 57 14.98 -8.67 27.48
CA ASP C 57 13.80 -7.80 27.45
C ASP C 57 12.51 -8.59 27.20
N PRO C 58 11.54 -8.49 28.13
CA PRO C 58 10.31 -9.27 28.07
C PRO C 58 9.28 -8.75 27.06
N HIS C 59 9.55 -7.59 26.46
CA HIS C 59 8.58 -6.96 25.55
C HIS C 59 8.91 -7.21 24.08
N GLY C 60 7.93 -7.72 23.34
CA GLY C 60 8.07 -8.07 21.93
C GLY C 60 8.61 -6.97 21.03
N LYS C 61 7.92 -5.83 21.02
CA LYS C 61 8.32 -4.68 20.20
C LYS C 61 9.71 -4.17 20.59
N VAL C 62 9.92 -3.93 21.89
CA VAL C 62 11.18 -3.44 22.41
C VAL C 62 12.36 -4.34 22.01
N PHE C 63 12.23 -5.63 22.26
CA PHE C 63 13.26 -6.61 21.90
C PHE C 63 13.60 -6.54 20.41
N SER C 64 12.56 -6.51 19.57
CA SER C 64 12.75 -6.30 18.12
C SER C 64 13.51 -5.01 17.82
N PHE C 66 15.49 -3.19 20.01
CA PHE C 66 16.84 -3.30 20.58
C PHE C 66 17.82 -4.02 19.64
N LEU C 67 17.36 -5.11 19.04
CA LEU C 67 18.17 -5.87 18.10
C LEU C 67 18.45 -5.07 16.84
N GLU C 68 17.49 -4.26 16.42
CA GLU C 68 17.65 -3.40 15.25
C GLU C 68 18.58 -2.22 15.57
N THR C 69 18.58 -1.78 16.82
CA THR C 69 19.44 -0.69 17.29
C THR C 69 20.88 -1.17 17.47
N LEU C 70 21.02 -2.42 17.89
CA LEU C 70 22.30 -3.08 18.03
C LEU C 70 23.09 -3.01 16.72
N VAL C 71 22.37 -3.14 15.61
CA VAL C 71 22.93 -3.01 14.26
C VAL C 71 23.64 -1.66 14.06
N ASP C 72 22.94 -0.56 14.35
CA ASP C 72 23.50 0.78 14.22
C ASP C 72 24.68 0.98 15.16
N PHE C 73 24.53 0.48 16.38
CA PHE C 73 25.54 0.58 17.41
C PHE C 73 26.87 -0.07 17.00
N ILE C 74 26.80 -1.30 16.50
CA ILE C 74 27.98 -2.02 16.05
C ILE C 74 28.66 -1.31 14.86
N GLN C 75 27.88 -0.94 13.87
CA GLN C 75 28.40 -0.29 12.66
C GLN C 75 29.15 1.00 12.97
N VAL C 76 28.58 1.81 13.85
CA VAL C 76 29.18 3.09 14.24
C VAL C 76 30.39 2.91 15.15
N HIS C 77 30.27 2.09 16.19
CA HIS C 77 31.27 2.03 17.26
C HIS C 77 32.17 0.78 17.29
N LYS C 78 32.16 0.01 16.21
CA LYS C 78 32.96 -1.23 16.11
C LYS C 78 34.40 -1.11 16.59
N ASP C 79 35.08 -0.02 16.23
CA ASP C 79 36.49 0.21 16.60
C ASP C 79 36.70 0.25 18.12
N ASP C 80 35.68 0.64 18.86
CA ASP C 80 35.76 0.76 20.33
C ASP C 80 34.97 -0.30 21.10
N LEU C 81 34.53 -1.35 20.41
CA LEU C 81 33.66 -2.36 21.03
C LEU C 81 34.30 -3.75 21.17
N GLN C 82 35.63 -3.80 21.01
CA GLN C 82 36.36 -5.08 21.03
C GLN C 82 36.42 -5.73 22.42
N ASP C 83 36.43 -4.91 23.47
CA ASP C 83 36.30 -5.40 24.85
C ASP C 83 34.93 -6.04 25.09
N TRP C 84 33.92 -5.58 24.35
CA TRP C 84 32.55 -6.04 24.52
C TRP C 84 32.19 -7.22 23.59
N LEU C 85 33.09 -7.54 22.66
CA LEU C 85 32.84 -8.56 21.64
C LEU C 85 32.41 -9.92 22.23
N PHE C 86 33.13 -10.37 23.26
CA PHE C 86 32.81 -11.65 23.92
C PHE C 86 31.36 -11.69 24.37
N VAL C 87 30.93 -10.66 25.09
CA VAL C 87 29.56 -10.59 25.60
C VAL C 87 28.56 -10.49 24.46
N LEU C 88 28.83 -9.60 23.51
CA LEU C 88 27.94 -9.41 22.35
C LEU C 88 27.74 -10.69 21.55
N LEU C 89 28.84 -11.32 21.15
CA LEU C 89 28.78 -12.53 20.33
C LEU C 89 28.11 -13.70 21.05
N THR C 90 28.57 -13.99 22.26
CA THR C 90 28.04 -15.12 23.03
C THR C 90 26.56 -14.94 23.39
N GLN C 91 26.17 -13.74 23.78
CA GLN C 91 24.76 -13.47 24.08
C GLN C 91 23.86 -13.60 22.86
N LEU C 92 24.32 -13.10 21.71
CA LEU C 92 23.58 -13.24 20.46
C LEU C 92 23.43 -14.71 20.04
N LEU C 93 24.50 -15.50 20.19
CA LEU C 93 24.46 -16.91 19.83
C LEU C 93 23.53 -17.69 20.75
N LYS C 94 23.47 -17.30 22.02
CA LYS C 94 22.56 -17.91 22.99
C LYS C 94 21.11 -17.65 22.65
N LYS C 95 20.83 -16.45 22.15
CA LYS C 95 19.48 -16.09 21.71
C LYS C 95 18.97 -16.93 20.53
N GLY C 97 19.20 -20.01 20.57
CA GLY C 97 18.69 -21.19 21.24
C GLY C 97 17.48 -20.92 22.13
N ALA C 98 16.91 -19.73 21.99
CA ALA C 98 15.74 -19.35 22.76
C ALA C 98 14.44 -19.78 22.07
N ASP C 99 14.56 -20.37 20.88
CA ASP C 99 13.42 -20.82 20.06
C ASP C 99 12.52 -19.65 19.61
N LEU C 100 13.16 -18.51 19.32
CA LEU C 100 12.44 -17.29 18.97
C LEU C 100 11.64 -17.45 17.68
N LEU C 101 10.58 -16.64 17.56
CA LEU C 101 9.77 -16.58 16.34
C LEU C 101 10.61 -16.17 15.15
N GLY C 102 10.25 -16.69 13.98
CA GLY C 102 11.00 -16.48 12.73
C GLY C 102 11.41 -15.06 12.44
N SER C 103 10.52 -14.10 12.72
CA SER C 103 10.74 -12.69 12.42
C SER C 103 11.73 -12.05 13.41
N VAL C 104 11.65 -12.47 14.67
CA VAL C 104 12.55 -11.97 15.71
C VAL C 104 13.93 -12.61 15.56
N GLN C 105 13.97 -13.89 15.22
CA GLN C 105 15.21 -14.64 15.04
C GLN C 105 16.03 -14.11 13.86
N ALA C 106 15.35 -13.64 12.82
CA ALA C 106 16.01 -13.04 11.67
C ALA C 106 16.71 -11.72 12.04
N LYS C 107 16.31 -11.15 13.18
CA LYS C 107 16.91 -9.93 13.71
C LYS C 107 18.14 -10.24 14.55
N VAL C 108 18.11 -11.40 15.22
CA VAL C 108 19.27 -11.90 15.94
C VAL C 108 20.35 -12.28 14.93
N GLN C 109 19.93 -12.94 13.85
CA GLN C 109 20.83 -13.35 12.78
C GLN C 109 21.46 -12.15 12.08
N LYS C 110 20.68 -11.08 11.93
CA LYS C 110 21.18 -9.84 11.33
C LYS C 110 22.27 -9.21 12.20
N ALA C 111 22.04 -9.19 13.51
CA ALA C 111 23.04 -8.69 14.46
C ALA C 111 24.30 -9.55 14.47
N LEU C 112 24.12 -10.87 14.35
CA LEU C 112 25.25 -11.80 14.21
C LEU C 112 26.05 -11.53 12.94
N ASP C 113 25.34 -11.39 11.81
CA ASP C 113 25.97 -11.09 10.53
C ASP C 113 26.78 -9.79 10.58
N ILE C 114 26.19 -8.76 11.19
CA ILE C 114 26.85 -7.46 11.31
C ILE C 114 28.03 -7.51 12.27
N THR C 115 27.89 -8.27 13.34
CA THR C 115 29.01 -8.52 14.25
C THR C 115 30.16 -9.18 13.47
N ARG C 116 29.82 -10.19 12.66
CA ARG C 116 30.80 -10.96 11.90
C ARG C 116 31.65 -10.11 10.93
N GLU C 117 31.06 -9.06 10.38
CA GLU C 117 31.75 -8.24 9.38
C GLU C 117 32.28 -6.91 9.91
N SER C 118 32.13 -6.68 11.21
CA SER C 118 32.56 -5.42 11.84
C SER C 118 33.78 -5.57 12.73
N PHE C 119 34.11 -6.81 13.09
CA PHE C 119 35.19 -7.06 14.03
C PHE C 119 36.31 -7.89 13.38
N PRO C 120 37.55 -7.75 13.90
CA PRO C 120 38.66 -8.54 13.36
C PRO C 120 38.36 -10.04 13.40
N ASN C 121 38.68 -10.73 12.30
CA ASN C 121 38.36 -12.14 12.15
C ASN C 121 39.00 -13.03 13.20
N ASP C 122 40.22 -12.68 13.61
CA ASP C 122 40.96 -13.46 14.60
C ASP C 122 40.37 -13.33 16.00
N LEU C 123 39.96 -12.12 16.38
CA LEU C 123 39.32 -11.89 17.69
C LEU C 123 38.01 -12.65 17.82
N GLN C 124 37.26 -12.72 16.73
CA GLN C 124 36.02 -13.47 16.66
C GLN C 124 36.28 -14.98 16.75
N PHE C 125 37.20 -15.45 15.91
CA PHE C 125 37.53 -16.87 15.82
C PHE C 125 38.08 -17.44 17.12
N ASN C 126 38.93 -16.66 17.79
CA ASN C 126 39.49 -17.07 19.08
C ASN C 126 38.41 -17.14 20.15
N ILE C 127 37.51 -16.16 20.15
CA ILE C 127 36.36 -16.16 21.07
C ILE C 127 35.48 -17.38 20.87
N LEU C 128 35.30 -17.79 19.61
CA LEU C 128 34.51 -18.98 19.27
C LEU C 128 35.19 -20.30 19.63
N ARG C 130 37.20 -20.71 22.11
CA ARG C 130 37.02 -20.72 23.56
C ARG C 130 35.58 -21.05 23.98
N PHE C 131 34.62 -20.40 23.34
CA PHE C 131 33.21 -20.56 23.68
C PHE C 131 32.69 -21.98 23.41
N THR C 132 33.24 -22.61 22.38
CA THR C 132 32.94 -24.00 22.04
C THR C 132 33.25 -24.98 23.19
N VAL C 133 34.32 -24.72 23.92
CA VAL C 133 34.75 -25.59 25.03
C VAL C 133 34.58 -24.91 26.40
N ASP C 134 33.74 -23.88 26.45
CA ASP C 134 33.53 -23.09 27.68
C ASP C 134 33.01 -23.98 28.81
N GLN C 135 33.78 -24.04 29.89
CA GLN C 135 33.50 -24.96 31.00
C GLN C 135 32.43 -24.42 31.98
N THR C 136 31.99 -23.18 31.77
CA THR C 136 30.90 -22.61 32.57
C THR C 136 29.56 -22.78 31.86
N GLN C 137 29.62 -23.19 30.59
CA GLN C 137 28.45 -23.28 29.73
C GLN C 137 28.03 -24.72 29.46
N THR C 138 26.73 -24.94 29.37
CA THR C 138 26.18 -26.21 28.92
C THR C 138 25.17 -25.93 27.80
N PRO C 139 25.67 -25.61 26.58
CA PRO C 139 24.83 -25.13 25.47
C PRO C 139 23.79 -26.13 25.00
N SER C 140 22.57 -25.66 24.78
CA SER C 140 21.51 -26.46 24.18
C SER C 140 21.89 -26.87 22.75
N LEU C 141 21.08 -27.76 22.16
CA LEU C 141 21.32 -28.23 20.80
C LEU C 141 21.29 -27.09 19.78
N LYS C 142 20.30 -26.21 19.91
CA LYS C 142 20.15 -25.06 19.03
C LYS C 142 21.33 -24.08 19.13
N VAL C 143 21.79 -23.83 20.36
CA VAL C 143 22.96 -22.99 20.58
C VAL C 143 24.19 -23.60 19.89
N LYS C 144 24.39 -24.89 20.05
CA LYS C 144 25.48 -25.59 19.35
C LYS C 144 25.42 -25.36 17.86
N VAL C 145 24.22 -25.50 17.27
CA VAL C 145 24.05 -25.28 15.84
C VAL C 145 24.44 -23.86 15.42
N ALA C 146 23.99 -22.88 16.20
CA ALA C 146 24.29 -21.47 15.93
C ALA C 146 25.79 -21.16 16.01
N ILE C 147 26.46 -21.74 17.02
CA ILE C 147 27.90 -21.56 17.18
C ILE C 147 28.63 -22.09 15.96
N LEU C 148 28.26 -23.30 15.54
CA LEU C 148 28.89 -23.99 14.43
C LEU C 148 28.66 -23.27 13.10
N LYS C 149 27.42 -22.87 12.84
CA LYS C 149 27.09 -22.13 11.61
C LYS C 149 27.86 -20.81 11.50
N TYR C 150 28.08 -20.17 12.66
CA TYR C 150 28.84 -18.92 12.71
C TYR C 150 30.31 -19.16 12.42
N ILE C 151 30.90 -20.19 13.04
CA ILE C 151 32.30 -20.56 12.75
C ILE C 151 32.47 -20.89 11.26
N GLU C 152 31.54 -21.66 10.72
CA GLU C 152 31.57 -22.05 9.31
C GLU C 152 31.58 -20.82 8.40
N THR C 153 30.63 -19.91 8.61
CA THR C 153 30.54 -18.68 7.84
C THR C 153 31.78 -17.79 8.05
N LEU C 154 32.25 -17.70 9.28
CA LEU C 154 33.47 -16.94 9.58
C LEU C 154 34.70 -17.50 8.87
N ALA C 155 34.87 -18.81 8.92
CA ALA C 155 35.99 -19.49 8.24
C ALA C 155 35.97 -19.26 6.72
N LYS C 156 34.82 -18.87 6.19
CA LYS C 156 34.68 -18.64 4.76
C LYS C 156 35.07 -17.21 4.34
N GLN C 157 35.45 -16.39 5.32
CA GLN C 157 35.89 -15.02 5.05
C GLN C 157 37.29 -14.71 5.59
N ASP C 159 41.43 -15.31 6.64
CA ASP C 159 42.63 -15.72 5.92
C ASP C 159 43.28 -16.91 6.62
N PRO C 160 43.75 -17.91 5.84
CA PRO C 160 44.41 -19.13 6.28
C PRO C 160 45.25 -19.02 7.57
N ARG C 161 46.00 -17.94 7.73
CA ARG C 161 46.85 -17.75 8.90
C ARG C 161 46.11 -17.64 10.19
N ASP C 162 44.96 -17.01 10.14
CA ASP C 162 44.14 -16.89 11.35
C ASP C 162 43.75 -18.25 11.94
N PHE C 163 43.92 -19.31 11.14
CA PHE C 163 43.70 -20.68 11.60
C PHE C 163 45.02 -21.44 11.74
N THR C 164 45.47 -21.59 12.98
CA THR C 164 46.70 -22.31 13.30
C THR C 164 46.42 -23.44 14.29
N ASN C 165 47.28 -24.46 14.26
CA ASN C 165 47.27 -25.52 15.27
C ASN C 165 47.80 -24.97 16.60
N SER C 166 46.88 -24.74 17.53
CA SER C 166 47.22 -24.19 18.84
C SER C 166 46.55 -24.97 19.96
N SER C 167 46.76 -24.51 21.19
CA SER C 167 46.09 -25.06 22.37
C SER C 167 44.57 -24.95 22.26
N GLU C 168 44.09 -23.75 21.93
CA GLU C 168 42.65 -23.48 21.83
C GLU C 168 42.02 -24.21 20.66
N THR C 169 42.73 -24.25 19.55
CA THR C 169 42.26 -24.86 18.32
C THR C 169 42.14 -26.39 18.42
N ARG C 170 43.05 -27.01 19.17
CA ARG C 170 43.02 -28.46 19.41
C ARG C 170 41.80 -28.90 20.19
N LEU C 171 41.48 -28.15 21.25
CA LEU C 171 40.37 -28.48 22.13
C LEU C 171 39.02 -28.29 21.42
N ALA C 172 38.87 -27.17 20.72
CA ALA C 172 37.63 -26.82 20.05
C ALA C 172 37.29 -27.82 18.95
N VAL C 173 38.27 -28.14 18.12
CA VAL C 173 38.08 -29.11 17.04
C VAL C 173 37.76 -30.49 17.59
N SER C 174 38.43 -30.88 18.69
CA SER C 174 38.10 -32.11 19.41
C SER C 174 36.63 -32.10 19.80
N ARG C 175 36.18 -30.99 20.38
CA ARG C 175 34.78 -30.83 20.79
C ARG C 175 33.82 -30.91 19.62
N VAL C 176 34.17 -30.28 18.50
CA VAL C 176 33.35 -30.35 17.29
C VAL C 176 33.25 -31.80 16.80
N ILE C 177 34.36 -32.53 16.86
CA ILE C 177 34.39 -33.98 16.54
C ILE C 177 33.34 -34.74 17.35
N THR C 178 33.36 -34.55 18.67
CA THR C 178 32.40 -35.23 19.55
C THR C 178 30.97 -34.80 19.22
N TRP C 179 30.78 -33.52 18.89
CA TRP C 179 29.48 -33.00 18.50
C TRP C 179 28.89 -33.67 17.25
N THR C 180 29.77 -34.18 16.38
CA THR C 180 29.32 -34.94 15.20
C THR C 180 28.71 -36.29 15.58
N THR C 181 28.83 -36.66 16.86
CA THR C 181 28.24 -37.91 17.36
C THR C 181 26.99 -37.67 18.21
N GLU C 182 26.52 -36.42 18.25
CA GLU C 182 25.31 -36.07 18.99
C GLU C 182 24.09 -36.86 18.48
N PRO C 183 23.57 -37.77 19.32
CA PRO C 183 22.48 -38.67 18.88
C PRO C 183 21.18 -37.96 18.50
N LYS C 184 20.79 -36.94 19.26
CA LYS C 184 19.46 -36.34 19.12
C LYS C 184 19.29 -35.39 17.93
N SER C 185 20.40 -34.83 17.44
CA SER C 185 20.31 -33.74 16.45
C SER C 185 21.18 -33.94 15.21
N SER C 186 20.54 -34.18 14.07
CA SER C 186 21.24 -34.23 12.79
C SER C 186 21.75 -32.86 12.37
N ASP C 187 21.04 -31.81 12.80
CA ASP C 187 21.48 -30.43 12.57
C ASP C 187 22.80 -30.14 13.28
N VAL C 188 22.94 -30.57 14.53
CA VAL C 188 24.21 -30.46 15.25
C VAL C 188 25.28 -31.26 14.51
N ARG C 189 24.99 -32.52 14.23
CA ARG C 189 25.94 -33.41 13.54
C ARG C 189 26.40 -32.83 12.21
N LYS C 190 25.45 -32.41 11.37
CA LYS C 190 25.75 -31.83 10.06
C LYS C 190 26.45 -30.46 10.14
N ALA C 191 26.00 -29.59 11.05
CA ALA C 191 26.66 -28.28 11.24
C ALA C 191 28.11 -28.47 11.68
N ALA C 192 28.34 -29.49 12.52
CA ALA C 192 29.68 -29.80 13.00
C ALA C 192 30.54 -30.37 11.87
N GLN C 193 29.94 -31.21 11.04
CA GLN C 193 30.60 -31.76 9.85
C GLN C 193 31.02 -30.64 8.91
N SER C 194 30.14 -29.65 8.73
CA SER C 194 30.45 -28.49 7.89
C SER C 194 31.60 -27.64 8.44
N VAL C 195 31.61 -27.43 9.76
CA VAL C 195 32.73 -26.74 10.42
C VAL C 195 34.06 -27.45 10.14
N LEU C 196 34.08 -28.77 10.28
CA LEU C 196 35.29 -29.56 10.09
C LEU C 196 35.81 -29.50 8.64
N ILE C 197 34.91 -29.71 7.68
CA ILE C 197 35.24 -29.57 6.25
C ILE C 197 35.72 -28.15 5.94
N SER C 198 35.01 -27.16 6.48
CA SER C 198 35.35 -25.75 6.26
C SER C 198 36.74 -25.37 6.78
N LEU C 199 37.08 -25.85 7.96
CA LEU C 199 38.40 -25.58 8.56
C LEU C 199 39.52 -26.31 7.80
N PHE C 200 39.21 -27.52 7.32
CA PHE C 200 40.15 -28.33 6.54
C PHE C 200 40.46 -27.68 5.19
N GLU C 201 39.46 -27.02 4.60
CA GLU C 201 39.62 -26.35 3.30
C GLU C 201 40.30 -25.00 3.42
N LEU C 202 40.21 -24.39 4.60
CA LEU C 202 40.82 -23.08 4.86
C LEU C 202 42.33 -23.18 4.96
N ASN C 203 42.80 -24.04 5.86
CA ASN C 203 44.23 -24.27 6.04
C ASN C 203 44.51 -25.77 6.23
N THR C 204 44.61 -26.47 5.11
CA THR C 204 44.84 -27.91 5.08
C THR C 204 46.09 -28.34 5.87
N PRO C 205 47.23 -27.63 5.71
CA PRO C 205 48.43 -27.96 6.49
C PRO C 205 48.30 -27.84 8.01
N GLU C 206 47.68 -26.75 8.47
CA GLU C 206 47.48 -26.55 9.92
C GLU C 206 46.45 -27.53 10.49
N PHE C 207 45.44 -27.87 9.68
CA PHE C 207 44.40 -28.80 10.10
C PHE C 207 44.91 -30.25 10.16
N THR C 208 45.87 -30.58 9.30
CA THR C 208 46.49 -31.91 9.28
C THR C 208 47.33 -32.13 10.54
N LEU C 210 46.98 -30.46 13.24
CA LEU C 210 45.99 -30.45 14.31
C LEU C 210 45.49 -31.88 14.54
N LEU C 211 45.02 -32.52 13.48
CA LEU C 211 44.52 -33.89 13.58
C LEU C 211 45.59 -34.84 14.13
N GLY C 212 46.83 -34.66 13.66
CA GLY C 212 47.97 -35.46 14.10
C GLY C 212 48.22 -35.47 15.59
N ALA C 213 48.01 -34.32 16.25
CA ALA C 213 48.25 -34.20 17.69
C ALA C 213 47.03 -34.57 18.55
N LEU C 214 45.98 -35.09 17.91
CA LEU C 214 44.78 -35.56 18.61
C LEU C 214 44.78 -37.08 18.75
N PRO C 215 44.09 -37.61 19.79
CA PRO C 215 43.90 -39.06 19.94
C PRO C 215 43.32 -39.74 18.68
N LYS C 216 43.61 -41.02 18.54
CA LYS C 216 43.30 -41.81 17.33
C LYS C 216 41.81 -41.82 16.98
N THR C 217 40.95 -41.88 17.99
CA THR C 217 39.49 -41.89 17.80
C THR C 217 39.00 -40.62 17.10
N PHE C 218 39.60 -39.49 17.46
CA PHE C 218 39.30 -38.20 16.86
C PHE C 218 39.76 -38.13 15.40
N GLN C 219 40.89 -38.78 15.11
CA GLN C 219 41.44 -38.83 13.75
C GLN C 219 40.57 -39.70 12.82
N ASP C 220 40.09 -40.82 13.36
CA ASP C 220 39.19 -41.71 12.63
C ASP C 220 37.82 -41.06 12.42
N GLY C 221 37.36 -40.32 13.43
CA GLY C 221 36.11 -39.58 13.35
C GLY C 221 36.11 -38.58 12.21
N ALA C 222 37.10 -37.68 12.22
CA ALA C 222 37.24 -36.63 11.22
C ALA C 222 37.37 -37.17 9.79
N THR C 223 38.21 -38.19 9.61
CA THR C 223 38.45 -38.80 8.31
C THR C 223 37.16 -39.28 7.65
N LYS C 224 36.27 -39.89 8.44
CA LYS C 224 34.98 -40.34 7.95
C LYS C 224 34.05 -39.18 7.57
N LEU C 225 34.25 -38.03 8.20
CA LEU C 225 33.40 -36.86 7.98
C LEU C 225 33.89 -35.96 6.84
N LEU C 226 35.19 -35.90 6.64
CA LEU C 226 35.82 -35.03 5.65
C LEU C 226 35.65 -35.50 4.20
N HIS C 227 35.36 -36.78 4.00
CA HIS C 227 35.35 -37.36 2.66
C HIS C 227 34.01 -37.98 2.27
N ASN C 228 33.11 -38.09 3.23
CA ASN C 228 31.73 -38.52 2.98
C ASN C 228 30.78 -37.32 2.86
N HIS C 229 29.58 -37.59 2.35
CA HIS C 229 28.62 -36.55 1.91
C HIS C 229 28.33 -35.41 2.89
N LEU C 230 28.11 -34.22 2.33
CA LEU C 230 27.59 -33.05 3.04
C LEU C 230 28.32 -32.73 4.35
N ARG D 2 -3.73 -13.94 35.60
CA ARG D 2 -2.97 -13.25 34.55
C ARG D 2 -1.52 -12.92 34.87
N GLN D 3 -1.24 -12.62 36.14
CA GLN D 3 0.09 -12.15 36.55
C GLN D 3 1.17 -13.24 36.59
N THR D 4 0.78 -14.44 37.04
CA THR D 4 1.74 -15.51 37.31
C THR D 4 1.85 -16.56 36.20
N GLU D 5 0.74 -16.78 35.49
CA GLU D 5 0.66 -17.84 34.48
C GLU D 5 1.67 -17.68 33.35
N ASP D 6 2.23 -18.80 32.91
CA ASP D 6 3.09 -18.84 31.75
C ASP D 6 2.29 -19.29 30.53
N VAL D 7 2.92 -19.22 29.36
CA VAL D 7 2.29 -19.57 28.08
C VAL D 7 1.72 -20.99 28.10
N ALA D 8 2.46 -21.93 28.69
CA ALA D 8 2.06 -23.34 28.71
C ALA D 8 0.74 -23.59 29.44
N GLU D 9 0.53 -22.93 30.57
CA GLU D 9 -0.69 -23.09 31.36
C GLU D 9 -1.88 -22.41 30.69
N VAL D 10 -1.61 -21.30 30.00
CA VAL D 10 -2.62 -20.62 29.20
C VAL D 10 -3.15 -21.54 28.10
N LEU D 11 -2.23 -22.17 27.38
CA LEU D 11 -2.57 -23.04 26.27
C LEU D 11 -3.25 -24.33 26.71
N ASN D 12 -2.92 -24.81 27.92
CA ASN D 12 -3.59 -25.95 28.51
C ASN D 12 -5.07 -25.64 28.79
N ARG D 13 -5.32 -24.47 29.38
CA ARG D 13 -6.68 -24.01 29.62
C ARG D 13 -7.48 -23.83 28.33
N CYS D 14 -6.84 -23.28 27.30
CA CYS D 14 -7.46 -23.12 25.98
C CYS D 14 -7.84 -24.45 25.34
N ALA D 15 -7.07 -25.49 25.62
CA ALA D 15 -7.27 -26.82 25.04
C ALA D 15 -8.17 -27.71 25.92
N SER D 16 -8.52 -27.20 27.09
CA SER D 16 -9.29 -27.95 28.08
C SER D 16 -10.68 -28.37 27.58
N SER D 17 -11.17 -29.49 28.08
CA SER D 17 -12.53 -29.97 27.80
C SER D 17 -13.57 -29.11 28.51
N ASN D 18 -13.12 -28.45 29.57
CA ASN D 18 -13.95 -27.56 30.39
C ASN D 18 -14.13 -26.20 29.72
N TRP D 19 -15.38 -25.84 29.43
CA TRP D 19 -15.75 -24.56 28.81
C TRP D 19 -15.24 -23.35 29.60
N SER D 20 -15.40 -23.40 30.92
CA SER D 20 -15.00 -22.32 31.82
C SER D 20 -13.49 -22.17 31.86
N GLU D 21 -12.78 -23.27 31.66
CA GLU D 21 -11.32 -23.24 31.57
C GLU D 21 -10.84 -22.68 30.22
N ARG D 22 -11.58 -22.96 29.17
CA ARG D 22 -11.27 -22.40 27.84
C ARG D 22 -11.48 -20.88 27.80
N LYS D 23 -12.45 -20.40 28.55
CA LYS D 23 -12.68 -18.96 28.72
C LYS D 23 -11.52 -18.30 29.45
N GLU D 24 -11.04 -18.96 30.51
CA GLU D 24 -9.91 -18.45 31.30
C GLU D 24 -8.62 -18.42 30.47
N GLY D 25 -8.46 -19.42 29.62
CA GLY D 25 -7.34 -19.48 28.69
C GLY D 25 -7.41 -18.35 27.68
N LEU D 26 -8.60 -18.12 27.13
CA LEU D 26 -8.82 -17.03 26.18
C LEU D 26 -8.52 -15.66 26.81
N LEU D 27 -8.95 -15.49 28.06
CA LEU D 27 -8.61 -14.29 28.84
C LEU D 27 -7.10 -14.20 29.09
N GLY D 28 -6.47 -15.34 29.37
CA GLY D 28 -5.03 -15.42 29.54
C GLY D 28 -4.25 -15.03 28.29
N LEU D 29 -4.74 -15.46 27.14
CA LEU D 29 -4.15 -15.12 25.85
C LEU D 29 -4.24 -13.63 25.58
N GLN D 30 -5.43 -13.07 25.82
CA GLN D 30 -5.67 -11.65 25.64
C GLN D 30 -4.63 -10.83 26.40
N ASN D 31 -4.40 -11.19 27.65
CA ASN D 31 -3.33 -10.59 28.44
C ASN D 31 -1.94 -10.76 27.80
N LEU D 32 -1.58 -12.00 27.45
CA LEU D 32 -0.29 -12.29 26.81
C LEU D 32 -0.03 -11.39 25.61
N LEU D 33 -1.04 -11.28 24.74
CA LEU D 33 -0.96 -10.50 23.51
C LEU D 33 -0.88 -9.01 23.77
N LYS D 34 -1.70 -8.53 24.72
CA LYS D 34 -1.67 -7.12 25.14
C LYS D 34 -0.26 -6.70 25.53
N ASN D 35 0.39 -7.53 26.34
CA ASN D 35 1.71 -7.23 26.90
C ASN D 35 2.88 -7.63 25.99
N GLN D 36 2.55 -8.06 24.77
CA GLN D 36 3.55 -8.46 23.76
C GLN D 36 4.56 -9.47 24.29
N ARG D 37 4.08 -10.40 25.12
CA ARG D 37 4.94 -11.40 25.73
C ARG D 37 5.50 -12.38 24.71
N THR D 38 6.69 -12.91 24.98
CA THR D 38 7.37 -13.80 24.05
C THR D 38 6.65 -15.14 23.97
N LEU D 39 6.34 -15.54 22.74
CA LEU D 39 5.81 -16.85 22.45
C LEU D 39 6.93 -17.57 21.71
N SER D 40 7.33 -18.74 22.20
CA SER D 40 8.31 -19.54 21.49
C SER D 40 7.67 -20.11 20.23
N ARG D 41 8.51 -20.51 19.27
CA ARG D 41 8.07 -21.07 18.00
C ARG D 41 7.23 -22.33 18.20
N ILE D 42 7.54 -23.11 19.23
CA ILE D 42 6.79 -24.31 19.58
C ILE D 42 5.39 -23.95 20.11
N GLU D 43 5.34 -22.96 21.00
CA GLU D 43 4.10 -22.54 21.64
C GLU D 43 3.10 -21.88 20.68
N LEU D 44 3.62 -21.12 19.71
CA LEU D 44 2.78 -20.46 18.72
C LEU D 44 2.15 -21.49 17.78
N LYS D 45 2.94 -22.50 17.42
CA LYS D 45 2.46 -23.63 16.62
C LYS D 45 1.34 -24.39 17.35
N ARG D 46 1.49 -24.56 18.65
CA ARG D 46 0.49 -25.24 19.46
C ARG D 46 -0.79 -24.41 19.56
N LEU D 47 -0.62 -23.11 19.78
CA LEU D 47 -1.75 -22.18 19.83
C LEU D 47 -2.51 -22.15 18.50
N CYS D 48 -1.77 -22.16 17.39
CA CYS D 48 -2.39 -22.23 16.07
C CYS D 48 -3.16 -23.53 15.87
N GLU D 49 -2.68 -24.62 16.48
CA GLU D 49 -3.37 -25.91 16.42
C GLU D 49 -4.59 -25.91 17.33
N ILE D 50 -4.48 -25.26 18.48
CA ILE D 50 -5.60 -25.12 19.41
C ILE D 50 -6.70 -24.25 18.78
N PHE D 51 -6.30 -23.17 18.11
CA PHE D 51 -7.24 -22.28 17.43
C PHE D 51 -7.89 -22.95 16.21
N THR D 52 -7.13 -23.79 15.50
CA THR D 52 -7.68 -24.56 14.38
C THR D 52 -8.87 -25.40 14.85
N ARG D 53 -8.72 -26.08 15.99
CA ARG D 53 -9.80 -26.85 16.60
C ARG D 53 -10.92 -25.98 17.17
N PHE D 55 -12.40 -23.44 15.96
CA PHE D 55 -13.42 -23.12 14.96
C PHE D 55 -14.64 -24.02 15.09
N ALA D 56 -14.47 -25.15 15.78
CA ALA D 56 -15.55 -26.12 16.00
C ALA D 56 -15.93 -26.23 17.48
N ASP D 57 -15.59 -25.21 18.28
CA ASP D 57 -15.97 -25.18 19.68
C ASP D 57 -17.49 -25.18 19.78
N PRO D 58 -18.07 -26.08 20.59
CA PRO D 58 -19.53 -26.20 20.67
C PRO D 58 -20.16 -25.38 21.80
N HIS D 59 -19.35 -24.57 22.50
CA HIS D 59 -19.85 -23.65 23.52
C HIS D 59 -19.91 -22.23 22.96
N GLY D 60 -21.10 -21.64 22.99
CA GLY D 60 -21.37 -20.35 22.37
C GLY D 60 -20.51 -19.20 22.84
N LYS D 61 -20.34 -19.08 24.16
CA LYS D 61 -19.55 -17.98 24.74
C LYS D 61 -18.05 -18.16 24.47
N VAL D 62 -17.56 -19.39 24.60
CA VAL D 62 -16.18 -19.71 24.24
C VAL D 62 -15.89 -19.35 22.79
N PHE D 63 -16.78 -19.75 21.88
CA PHE D 63 -16.61 -19.51 20.44
C PHE D 63 -16.59 -18.03 20.08
N SER D 64 -17.49 -17.25 20.69
CA SER D 64 -17.53 -15.80 20.48
C SER D 64 -16.26 -15.15 20.99
N PHE D 66 -13.38 -16.62 21.38
CA PHE D 66 -12.32 -17.08 20.47
C PHE D 66 -12.20 -16.11 19.29
N LEU D 67 -13.33 -15.81 18.65
CA LEU D 67 -13.35 -14.89 17.50
C LEU D 67 -12.84 -13.51 17.85
N GLU D 68 -13.10 -13.06 19.09
CA GLU D 68 -12.60 -11.77 19.58
C GLU D 68 -11.09 -11.84 19.86
N THR D 69 -10.65 -12.97 20.42
CA THR D 69 -9.24 -13.19 20.73
C THR D 69 -8.42 -13.33 19.46
N LEU D 70 -9.01 -13.98 18.45
CA LEU D 70 -8.41 -14.16 17.14
C LEU D 70 -7.95 -12.83 16.56
N VAL D 71 -8.76 -11.78 16.78
CA VAL D 71 -8.44 -10.42 16.36
C VAL D 71 -7.13 -9.92 17.01
N ASP D 72 -7.06 -9.98 18.33
CA ASP D 72 -5.85 -9.56 19.07
C ASP D 72 -4.66 -10.40 18.65
N PHE D 73 -4.87 -11.71 18.54
CA PHE D 73 -3.84 -12.65 18.11
C PHE D 73 -3.23 -12.29 16.76
N ILE D 74 -4.10 -12.10 15.77
CA ILE D 74 -3.66 -11.75 14.41
C ILE D 74 -2.85 -10.45 14.40
N GLN D 75 -3.36 -9.42 15.07
CA GLN D 75 -2.74 -8.10 15.07
C GLN D 75 -1.36 -8.08 15.75
N VAL D 76 -1.17 -8.89 16.79
CA VAL D 76 0.12 -9.01 17.44
C VAL D 76 1.10 -9.85 16.62
N HIS D 77 0.66 -11.02 16.17
CA HIS D 77 1.58 -12.01 15.59
C HIS D 77 1.52 -12.25 14.09
N LYS D 78 0.93 -11.30 13.36
CA LYS D 78 0.80 -11.39 11.89
C LYS D 78 2.10 -11.73 11.14
N ASP D 79 3.23 -11.23 11.63
CA ASP D 79 4.52 -11.42 10.95
C ASP D 79 4.98 -12.88 10.90
N ASP D 80 4.55 -13.66 11.89
CA ASP D 80 4.94 -15.06 12.00
C ASP D 80 3.77 -16.05 11.80
N LEU D 81 2.66 -15.56 11.26
CA LEU D 81 1.46 -16.38 11.09
C LEU D 81 1.16 -16.72 9.63
N GLN D 82 2.10 -16.39 8.75
CA GLN D 82 1.91 -16.58 7.31
C GLN D 82 1.70 -18.05 6.91
N ASP D 83 2.34 -18.96 7.64
CA ASP D 83 2.14 -20.39 7.42
C ASP D 83 0.74 -20.86 7.81
N TRP D 84 0.13 -20.16 8.77
CA TRP D 84 -1.19 -20.53 9.27
C TRP D 84 -2.33 -19.83 8.52
N LEU D 85 -1.98 -18.93 7.61
CA LEU D 85 -2.97 -18.11 6.89
C LEU D 85 -3.97 -18.95 6.10
N PHE D 86 -3.50 -19.97 5.41
CA PHE D 86 -4.39 -20.85 4.64
C PHE D 86 -5.50 -21.45 5.50
N VAL D 87 -5.14 -21.94 6.69
CA VAL D 87 -6.12 -22.51 7.61
C VAL D 87 -7.04 -21.42 8.18
N LEU D 88 -6.44 -20.33 8.65
CA LEU D 88 -7.19 -19.22 9.22
C LEU D 88 -8.26 -18.69 8.26
N LEU D 89 -7.85 -18.41 7.03
CA LEU D 89 -8.70 -17.76 6.05
C LEU D 89 -9.80 -18.69 5.51
N THR D 90 -9.44 -19.94 5.24
CA THR D 90 -10.41 -20.90 4.71
C THR D 90 -11.40 -21.37 5.78
N GLN D 91 -10.96 -21.45 7.04
CA GLN D 91 -11.85 -21.82 8.13
C GLN D 91 -12.87 -20.73 8.44
N LEU D 92 -12.45 -19.47 8.36
CA LEU D 92 -13.34 -18.33 8.59
C LEU D 92 -14.36 -18.20 7.46
N LEU D 93 -13.88 -18.34 6.23
CA LEU D 93 -14.74 -18.25 5.05
C LEU D 93 -15.81 -19.35 5.02
N LYS D 94 -15.47 -20.54 5.49
CA LYS D 94 -16.40 -21.65 5.56
C LYS D 94 -17.40 -21.50 6.70
N LYS D 95 -17.04 -20.70 7.70
CA LYS D 95 -17.92 -20.39 8.83
C LYS D 95 -18.99 -19.37 8.42
N GLY D 97 -20.86 -19.62 6.01
CA GLY D 97 -21.95 -20.39 5.39
C GLY D 97 -22.55 -21.42 6.32
N ALA D 98 -22.27 -21.28 7.62
CA ALA D 98 -22.78 -22.21 8.63
C ALA D 98 -24.12 -21.75 9.23
N ASP D 99 -24.71 -20.71 8.63
CA ASP D 99 -25.97 -20.12 9.10
C ASP D 99 -25.88 -19.74 10.57
N LEU D 100 -24.90 -18.90 10.89
CA LEU D 100 -24.66 -18.47 12.25
C LEU D 100 -25.61 -17.33 12.62
N LEU D 101 -25.87 -17.18 13.91
CA LEU D 101 -26.69 -16.08 14.43
C LEU D 101 -25.98 -14.76 14.15
N GLY D 102 -26.75 -13.80 13.62
CA GLY D 102 -26.23 -12.49 13.21
C GLY D 102 -25.14 -11.87 14.06
N SER D 103 -25.21 -12.09 15.37
CA SER D 103 -24.25 -11.51 16.31
C SER D 103 -22.88 -12.16 16.18
N VAL D 104 -22.88 -13.46 15.91
CA VAL D 104 -21.65 -14.24 15.79
C VAL D 104 -21.07 -14.08 14.38
N GLN D 105 -21.94 -14.07 13.38
CA GLN D 105 -21.54 -13.82 12.00
C GLN D 105 -20.77 -12.51 11.88
N ALA D 106 -21.20 -11.49 12.64
CA ALA D 106 -20.49 -10.21 12.68
C ALA D 106 -19.08 -10.33 13.26
N LYS D 107 -18.91 -11.26 14.19
CA LYS D 107 -17.60 -11.51 14.79
C LYS D 107 -16.68 -12.23 13.80
N VAL D 108 -17.26 -13.14 13.01
CA VAL D 108 -16.56 -13.82 11.92
C VAL D 108 -16.13 -12.81 10.86
N GLN D 109 -17.07 -11.97 10.43
CA GLN D 109 -16.82 -10.91 9.46
C GLN D 109 -15.70 -9.99 9.97
N LYS D 110 -15.74 -9.69 11.26
CA LYS D 110 -14.70 -8.90 11.91
C LYS D 110 -13.34 -9.59 11.76
N ALA D 111 -13.29 -10.87 12.12
CA ALA D 111 -12.06 -11.66 12.00
C ALA D 111 -11.53 -11.67 10.57
N LEU D 112 -12.43 -11.83 9.59
CA LEU D 112 -12.07 -11.75 8.18
C LEU D 112 -11.44 -10.42 7.80
N ASP D 113 -12.03 -9.32 8.27
CA ASP D 113 -11.53 -7.97 7.99
C ASP D 113 -10.15 -7.74 8.60
N ILE D 114 -9.95 -8.26 9.81
CA ILE D 114 -8.66 -8.15 10.50
C ILE D 114 -7.60 -8.90 9.69
N THR D 115 -7.93 -10.12 9.30
CA THR D 115 -7.06 -10.95 8.48
C THR D 115 -6.65 -10.22 7.21
N ARG D 116 -7.65 -9.69 6.50
CA ARG D 116 -7.44 -8.96 5.26
C ARG D 116 -6.51 -7.75 5.42
N GLU D 117 -6.63 -7.07 6.56
CA GLU D 117 -5.82 -5.88 6.86
C GLU D 117 -4.43 -6.22 7.40
N SER D 118 -4.26 -7.45 7.87
CA SER D 118 -3.04 -7.79 8.62
C SER D 118 -1.99 -8.55 7.83
N PHE D 119 -2.41 -9.23 6.77
CA PHE D 119 -1.50 -10.06 5.99
C PHE D 119 -1.13 -9.42 4.66
N PRO D 120 0.05 -9.80 4.09
CA PRO D 120 0.43 -9.30 2.77
C PRO D 120 -0.60 -9.69 1.73
N ASN D 121 -0.85 -8.81 0.77
CA ASN D 121 -1.95 -8.98 -0.17
C ASN D 121 -1.75 -10.10 -1.18
N ASP D 122 -0.52 -10.29 -1.64
CA ASP D 122 -0.21 -11.37 -2.59
C ASP D 122 -0.45 -12.76 -1.97
N LEU D 123 -0.07 -12.92 -0.71
CA LEU D 123 -0.27 -14.16 0.04
C LEU D 123 -1.75 -14.54 0.15
N GLN D 124 -2.56 -13.58 0.58
CA GLN D 124 -4.00 -13.75 0.68
C GLN D 124 -4.60 -14.14 -0.66
N PHE D 125 -4.26 -13.36 -1.68
CA PHE D 125 -4.78 -13.56 -3.03
C PHE D 125 -4.47 -14.95 -3.60
N ASN D 126 -3.23 -15.41 -3.43
CA ASN D 126 -2.82 -16.73 -3.90
C ASN D 126 -3.56 -17.87 -3.20
N ILE D 127 -3.82 -17.70 -1.91
CA ILE D 127 -4.58 -18.68 -1.12
C ILE D 127 -6.02 -18.79 -1.62
N LEU D 128 -6.62 -17.64 -1.90
CA LEU D 128 -7.98 -17.59 -2.44
C LEU D 128 -8.05 -18.25 -3.82
N ARG D 130 -6.10 -20.58 -5.04
CA ARG D 130 -5.97 -22.02 -4.84
CA ARG D 130 -5.97 -22.01 -4.83
C ARG D 130 -7.23 -22.62 -4.22
N PHE D 131 -7.92 -21.83 -3.41
CA PHE D 131 -9.12 -22.28 -2.71
C PHE D 131 -10.33 -22.47 -3.63
N THR D 132 -10.42 -21.62 -4.66
CA THR D 132 -11.53 -21.67 -5.62
C THR D 132 -11.59 -23.02 -6.35
N VAL D 133 -10.41 -23.53 -6.74
CA VAL D 133 -10.31 -24.76 -7.51
C VAL D 133 -9.96 -25.98 -6.66
N ASP D 134 -10.35 -25.95 -5.39
CA ASP D 134 -10.01 -27.03 -4.45
C ASP D 134 -10.62 -28.37 -4.89
N GLN D 135 -9.74 -29.31 -5.21
CA GLN D 135 -10.15 -30.61 -5.75
C GLN D 135 -10.42 -31.64 -4.64
N THR D 136 -10.49 -31.16 -3.39
CA THR D 136 -10.74 -32.00 -2.23
C THR D 136 -12.09 -31.71 -1.58
N GLN D 137 -12.46 -30.43 -1.53
CA GLN D 137 -13.71 -30.00 -0.88
C GLN D 137 -14.78 -29.62 -1.90
N THR D 138 -16.03 -29.64 -1.45
CA THR D 138 -17.16 -29.17 -2.23
C THR D 138 -17.72 -27.88 -1.60
N PRO D 139 -17.32 -26.70 -2.14
CA PRO D 139 -17.78 -25.42 -1.61
C PRO D 139 -19.28 -25.21 -1.79
N SER D 140 -19.97 -24.91 -0.68
CA SER D 140 -21.41 -24.68 -0.71
C SER D 140 -21.76 -23.27 -1.18
N LEU D 141 -23.04 -23.02 -1.41
CA LEU D 141 -23.54 -21.77 -1.98
C LEU D 141 -23.07 -20.50 -1.24
N LYS D 142 -23.33 -20.45 0.08
CA LYS D 142 -23.04 -19.27 0.89
C LYS D 142 -21.55 -19.06 1.09
N VAL D 143 -20.81 -20.17 1.18
CA VAL D 143 -19.34 -20.13 1.25
C VAL D 143 -18.81 -19.48 -0.02
N LYS D 144 -19.28 -19.96 -1.17
CA LYS D 144 -18.92 -19.41 -2.47
C LYS D 144 -19.16 -17.91 -2.57
N VAL D 145 -20.25 -17.45 -1.96
CA VAL D 145 -20.56 -16.02 -1.89
C VAL D 145 -19.47 -15.27 -1.11
N ALA D 146 -19.07 -15.84 0.02
CA ALA D 146 -18.05 -15.23 0.89
C ALA D 146 -16.67 -15.17 0.25
N ILE D 147 -16.28 -16.23 -0.46
CA ILE D 147 -15.01 -16.27 -1.18
C ILE D 147 -14.91 -15.06 -2.10
N LEU D 148 -15.89 -14.95 -3.00
CA LEU D 148 -15.94 -13.89 -3.99
C LEU D 148 -16.06 -12.50 -3.36
N LYS D 149 -16.84 -12.39 -2.29
CA LYS D 149 -16.95 -11.15 -1.54
C LYS D 149 -15.61 -10.71 -0.94
N TYR D 150 -14.83 -11.67 -0.46
CA TYR D 150 -13.50 -11.39 0.12
C TYR D 150 -12.52 -10.94 -0.97
N ILE D 151 -12.48 -11.67 -2.09
CA ILE D 151 -11.60 -11.33 -3.22
C ILE D 151 -11.88 -9.90 -3.71
N GLU D 152 -13.16 -9.60 -3.91
CA GLU D 152 -13.61 -8.26 -4.34
C GLU D 152 -13.03 -7.16 -3.47
N THR D 153 -13.07 -7.38 -2.16
CA THR D 153 -12.57 -6.41 -1.19
C THR D 153 -11.04 -6.35 -1.18
N LEU D 154 -10.40 -7.51 -1.31
CA LEU D 154 -8.94 -7.61 -1.36
C LEU D 154 -8.37 -6.90 -2.59
N ALA D 155 -9.03 -7.09 -3.74
CA ALA D 155 -8.63 -6.43 -4.98
C ALA D 155 -8.66 -4.91 -4.89
N LYS D 156 -9.49 -4.38 -3.99
CA LYS D 156 -9.64 -2.94 -3.80
C LYS D 156 -8.47 -2.33 -3.02
N GLN D 157 -7.71 -3.18 -2.33
CA GLN D 157 -6.52 -2.74 -1.57
C GLN D 157 -5.22 -3.24 -2.21
N ASP D 159 -2.10 -4.15 -4.83
CA ASP D 159 -1.25 -3.48 -5.80
C ASP D 159 -1.41 -4.17 -7.15
N PRO D 160 -1.38 -3.39 -8.26
CA PRO D 160 -1.48 -3.93 -9.61
C PRO D 160 -0.70 -5.23 -9.88
N ARG D 161 0.55 -5.32 -9.41
CA ARG D 161 1.42 -6.49 -9.65
C ARG D 161 1.20 -7.65 -8.68
N ASP D 162 0.34 -7.45 -7.68
CA ASP D 162 -0.03 -8.55 -6.78
C ASP D 162 -0.90 -9.54 -7.58
N PHE D 163 -1.50 -9.03 -8.66
CA PHE D 163 -2.25 -9.84 -9.61
C PHE D 163 -1.55 -9.88 -10.97
N THR D 164 -1.28 -11.10 -11.44
CA THR D 164 -0.62 -11.33 -12.73
C THR D 164 -1.12 -12.61 -13.39
N ASN D 165 -0.99 -12.67 -14.71
CA ASN D 165 -1.38 -13.85 -15.49
C ASN D 165 -0.47 -15.04 -15.17
N SER D 166 -1.08 -16.08 -14.60
CA SER D 166 -0.39 -17.32 -14.25
C SER D 166 -1.36 -18.49 -14.30
N SER D 167 -0.84 -19.71 -14.17
CA SER D 167 -1.67 -20.92 -14.19
C SER D 167 -2.67 -20.96 -13.02
N GLU D 168 -2.24 -20.45 -11.86
CA GLU D 168 -3.10 -20.40 -10.68
C GLU D 168 -4.33 -19.52 -10.91
N THR D 169 -4.10 -18.29 -11.38
CA THR D 169 -5.18 -17.35 -11.66
C THR D 169 -6.07 -17.83 -12.80
N ARG D 170 -5.45 -18.43 -13.83
CA ARG D 170 -6.18 -18.98 -14.97
C ARG D 170 -7.17 -20.06 -14.55
N LEU D 171 -6.68 -21.05 -13.80
CA LEU D 171 -7.51 -22.14 -13.31
C LEU D 171 -8.62 -21.62 -12.39
N ALA D 172 -8.28 -20.63 -11.57
CA ALA D 172 -9.22 -20.02 -10.63
C ALA D 172 -10.33 -19.23 -11.32
N VAL D 173 -9.94 -18.36 -12.26
CA VAL D 173 -10.91 -17.55 -13.01
C VAL D 173 -11.86 -18.44 -13.83
N SER D 174 -11.31 -19.53 -14.40
CA SER D 174 -12.11 -20.54 -15.10
C SER D 174 -13.25 -21.04 -14.23
N ARG D 175 -12.96 -21.29 -12.95
CA ARG D 175 -13.95 -21.75 -11.99
C ARG D 175 -14.92 -20.63 -11.59
N VAL D 176 -14.43 -19.39 -11.56
CA VAL D 176 -15.26 -18.21 -11.29
C VAL D 176 -16.35 -18.03 -12.35
N ILE D 177 -16.00 -18.38 -13.60
CA ILE D 177 -16.94 -18.35 -14.72
C ILE D 177 -17.93 -19.52 -14.66
N THR D 178 -17.41 -20.71 -14.31
CA THR D 178 -18.25 -21.90 -14.10
C THR D 178 -19.28 -21.63 -12.99
N TRP D 179 -18.85 -20.96 -11.93
CA TRP D 179 -19.70 -20.59 -10.79
C TRP D 179 -20.83 -19.64 -11.20
N THR D 180 -20.57 -18.78 -12.19
CA THR D 180 -21.50 -17.73 -12.56
C THR D 180 -22.77 -18.24 -13.28
N THR D 181 -22.63 -19.24 -14.14
CA THR D 181 -23.79 -19.77 -14.89
C THR D 181 -23.68 -21.26 -15.19
N GLU D 182 -24.18 -22.09 -14.26
CA GLU D 182 -24.39 -23.54 -14.43
C GLU D 182 -24.38 -24.27 -13.09
N LYS D 184 -26.78 -23.05 -10.52
CA LYS D 184 -27.42 -23.61 -9.32
C LYS D 184 -27.74 -22.52 -8.29
N SER D 185 -27.16 -21.34 -8.47
CA SER D 185 -27.40 -20.19 -7.58
C SER D 185 -27.30 -18.87 -8.32
N SER D 186 -28.07 -17.88 -7.86
CA SER D 186 -28.11 -16.56 -8.48
C SER D 186 -27.21 -15.53 -7.78
N ASP D 187 -26.96 -15.75 -6.49
CA ASP D 187 -26.08 -14.87 -5.71
C ASP D 187 -24.61 -15.10 -6.05
N VAL D 188 -24.25 -16.37 -6.28
CA VAL D 188 -22.91 -16.76 -6.73
C VAL D 188 -22.64 -16.16 -8.11
N ARG D 189 -23.69 -16.03 -8.92
CA ARG D 189 -23.62 -15.42 -10.25
C ARG D 189 -23.19 -13.95 -10.18
N LYS D 190 -23.92 -13.16 -9.39
CA LYS D 190 -23.68 -11.73 -9.29
C LYS D 190 -22.46 -11.40 -8.44
N ALA D 191 -22.06 -12.34 -7.58
CA ALA D 191 -20.83 -12.21 -6.80
C ALA D 191 -19.60 -12.44 -7.68
N ALA D 192 -19.70 -13.41 -8.59
CA ALA D 192 -18.60 -13.75 -9.50
C ALA D 192 -18.30 -12.64 -10.50
N GLN D 193 -19.35 -11.95 -10.94
CA GLN D 193 -19.23 -10.84 -11.89
C GLN D 193 -18.43 -9.68 -11.28
N SER D 194 -18.84 -9.25 -10.08
CA SER D 194 -18.22 -8.13 -9.37
C SER D 194 -16.71 -8.31 -9.15
N VAL D 195 -16.29 -9.56 -8.99
CA VAL D 195 -14.87 -9.90 -8.87
C VAL D 195 -14.17 -9.66 -10.20
N LEU D 196 -14.77 -10.17 -11.28
CA LEU D 196 -14.21 -10.08 -12.64
C LEU D 196 -14.08 -8.63 -13.12
N ILE D 197 -14.97 -7.75 -12.64
CA ILE D 197 -14.88 -6.33 -12.92
C ILE D 197 -13.70 -5.72 -12.17
N SER D 198 -13.49 -6.16 -10.93
CA SER D 198 -12.49 -5.60 -10.03
C SER D 198 -11.05 -5.92 -10.45
N LEU D 199 -10.83 -7.16 -10.89
CA LEU D 199 -9.52 -7.59 -11.37
C LEU D 199 -9.14 -6.87 -12.67
N PHE D 200 -10.15 -6.66 -13.53
CA PHE D 200 -9.99 -5.87 -14.75
C PHE D 200 -9.52 -4.45 -14.44
N GLU D 201 -10.15 -3.83 -13.44
CA GLU D 201 -9.79 -2.49 -13.00
C GLU D 201 -8.42 -2.42 -12.33
N LEU D 202 -8.06 -3.49 -11.62
CA LEU D 202 -6.79 -3.57 -10.90
C LEU D 202 -5.60 -3.66 -11.86
N ASN D 203 -5.62 -4.65 -12.75
CA ASN D 203 -4.56 -4.84 -13.73
C ASN D 203 -5.12 -5.33 -15.07
N THR D 204 -5.45 -4.37 -15.94
CA THR D 204 -6.05 -4.64 -17.25
C THR D 204 -5.12 -5.41 -18.21
N PRO D 205 -3.85 -4.96 -18.37
CA PRO D 205 -2.95 -5.68 -19.28
C PRO D 205 -2.76 -7.16 -18.92
N GLU D 206 -2.71 -7.46 -17.63
CA GLU D 206 -2.60 -8.85 -17.17
C GLU D 206 -3.92 -9.59 -17.29
N PHE D 207 -5.03 -8.88 -17.03
CA PHE D 207 -6.38 -9.45 -17.06
C PHE D 207 -6.84 -9.78 -18.49
N THR D 208 -6.58 -8.87 -19.42
CA THR D 208 -6.92 -9.07 -20.83
C THR D 208 -6.11 -10.22 -21.43
N LEU D 210 -4.88 -12.58 -19.51
CA LEU D 210 -5.37 -13.71 -18.73
C LEU D 210 -6.48 -14.45 -19.49
N LEU D 211 -7.47 -13.70 -19.97
CA LEU D 211 -8.51 -14.24 -20.84
C LEU D 211 -7.93 -14.50 -22.23
N GLY D 212 -6.83 -13.83 -22.48
CA GLY D 212 -6.11 -13.93 -23.72
C GLY D 212 -5.70 -15.37 -23.88
N ALA D 213 -5.43 -16.03 -22.76
CA ALA D 213 -5.01 -17.41 -22.83
C ALA D 213 -6.09 -18.44 -22.52
N LEU D 214 -7.31 -18.00 -22.37
CA LEU D 214 -8.40 -18.87 -21.93
C LEU D 214 -9.29 -19.34 -23.09
N PRO D 215 -9.66 -20.64 -23.09
CA PRO D 215 -10.55 -21.26 -24.07
C PRO D 215 -11.87 -20.51 -24.30
N LYS D 216 -12.50 -20.75 -25.45
CA LYS D 216 -13.68 -20.00 -25.90
C LYS D 216 -14.87 -20.04 -24.95
N THR D 217 -15.15 -21.22 -24.39
CA THR D 217 -16.29 -21.40 -23.48
C THR D 217 -16.17 -20.57 -22.21
N PHE D 218 -14.93 -20.31 -21.79
CA PHE D 218 -14.65 -19.49 -20.61
C PHE D 218 -14.38 -18.03 -20.97
N GLN D 219 -13.71 -17.81 -22.11
CA GLN D 219 -13.38 -16.47 -22.58
C GLN D 219 -14.62 -15.65 -22.95
N ASP D 220 -15.59 -16.31 -23.57
CA ASP D 220 -16.84 -15.66 -23.97
C ASP D 220 -17.90 -15.73 -22.88
N GLY D 221 -17.80 -16.76 -22.03
CA GLY D 221 -18.77 -16.99 -20.95
C GLY D 221 -18.86 -15.92 -19.88
N ALA D 222 -17.88 -15.02 -19.86
CA ALA D 222 -17.85 -13.92 -18.91
C ALA D 222 -18.19 -12.58 -19.57
N THR D 223 -17.56 -12.30 -20.70
CA THR D 223 -17.75 -11.04 -21.43
C THR D 223 -19.12 -10.98 -22.11
#